data_1QGP
#
_entry.id   1QGP
#
_cell.length_a   1.000
_cell.length_b   1.000
_cell.length_c   1.000
_cell.angle_alpha   90.00
_cell.angle_beta   90.00
_cell.angle_gamma   90.00
#
_symmetry.space_group_name_H-M   'P 1'
#
_entity_poly.entity_id   1
_entity_poly.type   'polypeptide(L)'
_entity_poly.pdbx_seq_one_letter_code
;SLSSHFQELSIYQDQEQRILKFLEELGEGKATTAHDLSGKLGTPKKEINRVLYSLAKKGKLQKEAGTPPLWKIAVSD
;
_entity_poly.pdbx_strand_id   A
#
# COMPACT_ATOMS: atom_id res chain seq x y z
N LEU A 2 22.97 -5.18 12.07
CA LEU A 2 22.34 -6.47 12.43
C LEU A 2 21.20 -6.25 13.43
N SER A 3 21.24 -5.16 14.14
CA SER A 3 20.17 -4.89 15.14
C SER A 3 18.90 -4.42 14.42
N SER A 4 19.05 -3.72 13.33
CA SER A 4 17.85 -3.24 12.59
C SER A 4 17.03 -4.44 12.08
N HIS A 5 17.61 -5.61 12.07
CA HIS A 5 16.87 -6.80 11.59
C HIS A 5 15.75 -7.17 12.56
N PHE A 6 16.04 -7.27 13.83
CA PHE A 6 14.98 -7.62 14.82
C PHE A 6 14.06 -6.42 15.08
N GLN A 7 14.49 -5.25 14.71
CA GLN A 7 13.64 -4.05 14.93
C GLN A 7 12.64 -3.90 13.77
N GLU A 8 12.52 -4.89 12.92
CA GLU A 8 11.56 -4.78 11.79
C GLU A 8 10.12 -4.68 12.32
N LEU A 9 9.18 -5.39 11.75
CA LEU A 9 7.76 -5.31 12.24
C LEU A 9 7.26 -3.87 12.11
N SER A 10 7.48 -3.05 13.10
CA SER A 10 7.02 -1.63 13.01
C SER A 10 7.73 -0.92 11.85
N ILE A 11 8.81 -1.48 11.38
CA ILE A 11 9.56 -0.83 10.26
C ILE A 11 8.65 -0.60 9.06
N TYR A 12 7.86 -1.57 8.68
CA TYR A 12 6.96 -1.37 7.52
C TYR A 12 5.69 -0.63 7.95
N GLN A 13 5.43 -0.56 9.23
CA GLN A 13 4.22 0.17 9.70
C GLN A 13 4.34 1.62 9.25
N ASP A 14 5.52 2.19 9.33
CA ASP A 14 5.70 3.59 8.87
C ASP A 14 5.41 3.63 7.37
N GLN A 15 5.80 2.60 6.66
CA GLN A 15 5.54 2.53 5.21
C GLN A 15 4.03 2.38 4.97
N GLU A 16 3.39 1.56 5.75
CA GLU A 16 1.92 1.38 5.60
C GLU A 16 1.21 2.73 5.70
N GLN A 17 1.55 3.50 6.70
CA GLN A 17 0.90 4.84 6.85
C GLN A 17 1.11 5.66 5.58
N ARG A 18 2.30 5.67 5.05
CA ARG A 18 2.56 6.44 3.81
C ARG A 18 1.58 6.01 2.71
N ILE A 19 1.47 4.73 2.48
CA ILE A 19 0.52 4.25 1.41
C ILE A 19 -0.92 4.37 1.90
N LEU A 20 -1.18 4.01 3.13
CA LEU A 20 -2.57 4.11 3.66
C LEU A 20 -3.08 5.55 3.56
N LYS A 21 -2.35 6.49 4.09
CA LYS A 21 -2.82 7.91 4.02
C LYS A 21 -3.08 8.29 2.56
N PHE A 22 -2.17 7.97 1.67
CA PHE A 22 -2.37 8.31 0.25
C PHE A 22 -3.63 7.60 -0.28
N LEU A 23 -3.69 6.30 -0.16
CA LEU A 23 -4.90 5.58 -0.64
C LEU A 23 -6.17 6.24 -0.10
N GLU A 24 -6.08 6.88 1.03
CA GLU A 24 -7.26 7.57 1.60
C GLU A 24 -7.50 8.90 0.87
N GLU A 25 -6.45 9.57 0.47
CA GLU A 25 -6.62 10.87 -0.24
C GLU A 25 -7.14 10.64 -1.67
N LEU A 26 -6.92 9.46 -2.20
CA LEU A 26 -7.40 9.16 -3.58
C LEU A 26 -8.92 9.19 -3.64
N GLY A 27 -9.57 8.29 -2.95
CA GLY A 27 -11.05 8.25 -2.96
C GLY A 27 -11.54 6.89 -3.47
N GLU A 28 -12.54 6.33 -2.85
CA GLU A 28 -13.05 5.01 -3.31
C GLU A 28 -13.50 5.08 -4.76
N GLY A 29 -12.68 4.59 -5.67
CA GLY A 29 -13.05 4.63 -7.11
C GLY A 29 -11.79 4.54 -7.96
N LYS A 30 -11.11 5.64 -8.16
CA LYS A 30 -9.88 5.61 -8.99
C LYS A 30 -8.72 5.01 -8.18
N ALA A 31 -8.69 3.71 -8.06
CA ALA A 31 -7.58 3.07 -7.29
C ALA A 31 -6.23 3.35 -7.95
N THR A 32 -5.16 3.28 -7.20
CA THR A 32 -3.82 3.54 -7.77
C THR A 32 -2.99 2.26 -7.80
N THR A 33 -2.17 2.09 -8.81
CA THR A 33 -1.34 0.85 -8.90
C THR A 33 -0.05 1.02 -8.08
N ALA A 34 0.51 -0.06 -7.61
CA ALA A 34 1.77 0.04 -6.81
C ALA A 34 2.79 0.93 -7.54
N HIS A 35 2.80 0.87 -8.84
CA HIS A 35 3.74 1.72 -9.61
C HIS A 35 3.45 3.19 -9.25
N ASP A 36 2.19 3.55 -9.19
CA ASP A 36 1.83 4.94 -8.82
C ASP A 36 2.13 5.18 -7.34
N LEU A 37 1.93 4.18 -6.53
CA LEU A 37 2.21 4.33 -5.07
C LEU A 37 3.65 4.83 -4.87
N SER A 38 4.60 4.19 -5.51
CA SER A 38 6.02 4.62 -5.35
C SER A 38 6.21 6.05 -5.85
N GLY A 39 5.38 6.48 -6.76
CA GLY A 39 5.51 7.87 -7.30
C GLY A 39 4.86 8.86 -6.33
N LYS A 40 3.60 8.70 -6.08
CA LYS A 40 2.90 9.63 -5.14
C LYS A 40 3.65 9.72 -3.82
N LEU A 41 4.38 8.70 -3.47
CA LEU A 41 5.12 8.72 -2.18
C LEU A 41 6.63 8.83 -2.42
N GLY A 42 7.18 7.94 -3.20
CA GLY A 42 8.64 7.99 -3.48
C GLY A 42 9.25 6.62 -3.15
N THR A 43 8.62 5.86 -2.31
CA THR A 43 9.16 4.52 -1.95
C THR A 43 9.25 3.65 -3.21
N PRO A 44 10.26 2.80 -3.25
CA PRO A 44 10.45 1.91 -4.42
C PRO A 44 9.33 0.87 -4.48
N LYS A 45 8.93 0.49 -5.66
CA LYS A 45 7.83 -0.51 -5.80
C LYS A 45 8.06 -1.71 -4.89
N LYS A 46 9.25 -2.24 -4.86
CA LYS A 46 9.54 -3.41 -3.98
C LYS A 46 9.00 -3.17 -2.56
N GLU A 47 9.10 -1.96 -2.09
CA GLU A 47 8.60 -1.65 -0.73
C GLU A 47 7.10 -1.39 -0.80
N ILE A 48 6.65 -0.86 -1.90
CA ILE A 48 5.20 -0.58 -2.07
C ILE A 48 4.42 -1.90 -2.13
N ASN A 49 4.82 -2.81 -2.97
CA ASN A 49 4.10 -4.11 -3.05
C ASN A 49 4.09 -4.76 -1.67
N ARG A 50 5.22 -4.81 -1.04
CA ARG A 50 5.30 -5.41 0.32
C ARG A 50 4.26 -4.77 1.24
N VAL A 51 4.26 -3.48 1.32
CA VAL A 51 3.27 -2.77 2.18
C VAL A 51 1.87 -2.90 1.57
N LEU A 52 1.77 -2.80 0.28
CA LEU A 52 0.43 -2.94 -0.37
C LEU A 52 -0.20 -4.27 0.05
N TYR A 53 0.56 -5.33 0.01
CA TYR A 53 0.02 -6.65 0.42
C TYR A 53 -0.32 -6.63 1.91
N SER A 54 0.57 -6.09 2.71
CA SER A 54 0.30 -6.03 4.17
C SER A 54 -1.04 -5.33 4.42
N LEU A 55 -1.34 -4.32 3.65
CA LEU A 55 -2.65 -3.62 3.81
C LEU A 55 -3.76 -4.53 3.30
N ALA A 56 -3.63 -4.99 2.09
CA ALA A 56 -4.66 -5.89 1.50
C ALA A 56 -4.89 -7.08 2.44
N LYS A 57 -3.85 -7.57 3.05
CA LYS A 57 -4.00 -8.72 3.98
C LYS A 57 -4.56 -8.24 5.33
N LYS A 58 -4.48 -6.97 5.59
CA LYS A 58 -5.01 -6.43 6.87
C LYS A 58 -6.53 -6.28 6.79
N GLY A 59 -7.04 -6.02 5.63
CA GLY A 59 -8.51 -5.83 5.47
C GLY A 59 -8.83 -4.35 5.33
N LYS A 60 -7.85 -3.54 5.00
CA LYS A 60 -8.10 -2.08 4.85
C LYS A 60 -7.93 -1.66 3.39
N LEU A 61 -7.21 -2.41 2.62
CA LEU A 61 -7.01 -2.04 1.18
C LEU A 61 -7.95 -2.83 0.29
N GLN A 62 -8.16 -2.36 -0.90
CA GLN A 62 -9.05 -3.08 -1.86
C GLN A 62 -8.38 -3.15 -3.23
N LYS A 63 -7.65 -4.21 -3.48
CA LYS A 63 -6.95 -4.34 -4.80
C LYS A 63 -7.97 -4.50 -5.93
N GLU A 64 -7.64 -4.01 -7.09
CA GLU A 64 -8.56 -4.11 -8.25
C GLU A 64 -7.91 -4.96 -9.35
N ALA A 65 -8.48 -6.10 -9.65
CA ALA A 65 -7.90 -6.98 -10.71
C ALA A 65 -7.61 -6.17 -11.98
N GLY A 66 -6.51 -6.44 -12.62
CA GLY A 66 -6.16 -5.70 -13.87
C GLY A 66 -4.67 -5.84 -14.14
N THR A 67 -4.11 -4.96 -14.92
CA THR A 67 -2.65 -5.05 -15.23
C THR A 67 -2.09 -3.65 -15.57
N PRO A 68 -1.45 -2.99 -14.62
CA PRO A 68 -1.26 -3.57 -13.26
C PRO A 68 -2.52 -3.38 -12.41
N PRO A 69 -2.62 -4.16 -11.36
CA PRO A 69 -3.80 -4.07 -10.46
C PRO A 69 -3.77 -2.76 -9.67
N LEU A 70 -4.91 -2.17 -9.42
CA LEU A 70 -4.93 -0.88 -8.67
C LEU A 70 -5.28 -1.12 -7.20
N TRP A 71 -4.91 -0.23 -6.34
CA TRP A 71 -5.21 -0.39 -4.90
C TRP A 71 -6.01 0.80 -4.37
N LYS A 72 -7.06 0.54 -3.63
CA LYS A 72 -7.87 1.65 -3.07
C LYS A 72 -8.40 1.26 -1.69
N ILE A 73 -8.49 2.21 -0.78
CA ILE A 73 -9.00 1.89 0.58
C ILE A 73 -10.30 1.07 0.51
N ALA A 74 -10.39 0.04 1.29
CA ALA A 74 -11.63 -0.80 1.26
C ALA A 74 -12.71 -0.17 2.14
N VAL A 75 -13.69 0.45 1.54
CA VAL A 75 -14.78 1.08 2.34
C VAL A 75 -15.55 0.00 3.11
N SER A 76 -15.16 -0.27 4.32
CA SER A 76 -15.88 -1.32 5.13
C SER A 76 -16.84 -0.64 6.10
N ASP A 77 -17.95 -0.16 5.63
CA ASP A 77 -18.92 0.51 6.54
C ASP A 77 -19.39 -0.48 7.62
N LEU A 2 22.65 -8.01 11.45
CA LEU A 2 21.41 -8.61 12.03
C LEU A 2 20.85 -7.70 13.13
N SER A 3 21.66 -6.86 13.68
CA SER A 3 21.16 -5.94 14.76
C SER A 3 20.01 -5.09 14.23
N SER A 4 19.88 -4.96 12.94
CA SER A 4 18.77 -4.14 12.38
C SER A 4 17.64 -5.05 11.86
N HIS A 5 17.95 -6.29 11.62
CA HIS A 5 16.90 -7.23 11.09
C HIS A 5 15.85 -7.56 12.17
N PHE A 6 16.20 -7.47 13.43
CA PHE A 6 15.20 -7.81 14.49
C PHE A 6 14.28 -6.61 14.79
N GLN A 7 14.68 -5.43 14.44
CA GLN A 7 13.82 -4.25 14.71
C GLN A 7 12.81 -4.07 13.57
N GLU A 8 12.68 -5.04 12.70
CA GLU A 8 11.71 -4.90 11.57
C GLU A 8 10.26 -4.82 12.12
N LEU A 9 9.34 -5.56 11.55
CA LEU A 9 7.93 -5.50 12.04
C LEU A 9 7.39 -4.07 11.92
N SER A 10 7.57 -3.25 12.92
CA SER A 10 7.06 -1.85 12.81
C SER A 10 7.76 -1.13 11.67
N ILE A 11 8.87 -1.64 11.21
CA ILE A 11 9.60 -0.98 10.10
C ILE A 11 8.69 -0.75 8.89
N TYR A 12 7.93 -1.73 8.49
CA TYR A 12 7.02 -1.51 7.32
C TYR A 12 5.77 -0.76 7.76
N GLN A 13 5.52 -0.70 9.05
CA GLN A 13 4.33 0.05 9.53
C GLN A 13 4.43 1.50 9.05
N ASP A 14 5.59 2.08 9.18
CA ASP A 14 5.75 3.48 8.68
C ASP A 14 5.45 3.50 7.19
N GLN A 15 5.88 2.48 6.49
CA GLN A 15 5.60 2.40 5.03
C GLN A 15 4.11 2.23 4.80
N GLU A 16 3.45 1.46 5.64
CA GLU A 16 1.99 1.25 5.49
C GLU A 16 1.25 2.57 5.65
N GLN A 17 1.48 3.27 6.73
CA GLN A 17 0.80 4.57 6.94
C GLN A 17 1.05 5.48 5.74
N ARG A 18 2.23 5.44 5.20
CA ARG A 18 2.56 6.29 4.02
C ARG A 18 1.60 5.95 2.87
N ILE A 19 1.45 4.68 2.58
CA ILE A 19 0.53 4.28 1.47
C ILE A 19 -0.93 4.46 1.92
N LEU A 20 -1.25 4.02 3.11
CA LEU A 20 -2.65 4.16 3.60
C LEU A 20 -3.12 5.62 3.48
N LYS A 21 -2.39 6.53 4.05
CA LYS A 21 -2.79 7.97 3.96
C LYS A 21 -3.06 8.35 2.50
N PHE A 22 -2.14 8.06 1.63
CA PHE A 22 -2.35 8.40 0.19
C PHE A 22 -3.63 7.72 -0.32
N LEU A 23 -3.72 6.43 -0.20
CA LEU A 23 -4.94 5.72 -0.67
C LEU A 23 -6.19 6.40 -0.10
N GLU A 24 -6.07 7.00 1.07
CA GLU A 24 -7.23 7.69 1.69
C GLU A 24 -7.47 9.04 1.02
N GLU A 25 -6.41 9.72 0.62
CA GLU A 25 -6.59 11.06 -0.02
C GLU A 25 -7.29 10.91 -1.39
N LEU A 26 -7.27 9.73 -1.95
CA LEU A 26 -7.93 9.54 -3.28
C LEU A 26 -9.45 9.49 -3.11
N GLY A 27 -10.04 10.54 -2.59
CA GLY A 27 -11.51 10.55 -2.41
C GLY A 27 -12.21 10.21 -3.73
N GLU A 28 -11.65 10.62 -4.84
CA GLU A 28 -12.28 10.32 -6.16
C GLU A 28 -12.62 8.83 -6.26
N GLY A 29 -11.77 7.98 -5.76
CA GLY A 29 -12.05 6.51 -5.84
C GLY A 29 -11.10 5.86 -6.85
N LYS A 30 -10.59 6.63 -7.78
CA LYS A 30 -9.66 6.06 -8.80
C LYS A 30 -8.53 5.29 -8.11
N ALA A 31 -8.66 3.99 -7.98
CA ALA A 31 -7.60 3.19 -7.31
C ALA A 31 -6.23 3.48 -7.96
N THR A 32 -5.17 3.17 -7.27
CA THR A 32 -3.82 3.44 -7.85
C THR A 32 -2.99 2.16 -7.86
N THR A 33 -2.15 1.99 -8.84
CA THR A 33 -1.31 0.76 -8.92
C THR A 33 -0.03 0.95 -8.08
N ALA A 34 0.53 -0.11 -7.58
CA ALA A 34 1.79 0.02 -6.77
C ALA A 34 2.79 0.90 -7.51
N HIS A 35 2.82 0.81 -8.82
CA HIS A 35 3.76 1.65 -9.60
C HIS A 35 3.46 3.12 -9.26
N ASP A 36 2.21 3.47 -9.19
CA ASP A 36 1.83 4.87 -8.85
C ASP A 36 2.14 5.13 -7.38
N LEU A 37 1.93 4.15 -6.54
CA LEU A 37 2.22 4.34 -5.09
C LEU A 37 3.67 4.81 -4.91
N SER A 38 4.59 4.21 -5.61
CA SER A 38 6.02 4.61 -5.49
C SER A 38 6.21 6.07 -5.93
N GLY A 39 5.39 6.54 -6.82
CA GLY A 39 5.55 7.95 -7.29
C GLY A 39 4.90 8.89 -6.28
N LYS A 40 3.63 8.75 -6.05
CA LYS A 40 2.94 9.65 -5.07
C LYS A 40 3.68 9.67 -3.73
N LEU A 41 4.39 8.62 -3.42
CA LEU A 41 5.11 8.58 -2.12
C LEU A 41 6.63 8.68 -2.31
N GLY A 42 7.12 8.33 -3.48
CA GLY A 42 8.58 8.41 -3.72
C GLY A 42 9.26 7.16 -3.13
N THR A 43 8.52 6.10 -2.95
CA THR A 43 9.11 4.85 -2.39
C THR A 43 9.30 3.82 -3.51
N PRO A 44 10.32 3.01 -3.38
CA PRO A 44 10.60 1.99 -4.41
C PRO A 44 9.49 0.93 -4.42
N LYS A 45 9.07 0.51 -5.58
CA LYS A 45 7.98 -0.52 -5.67
C LYS A 45 8.22 -1.68 -4.70
N LYS A 46 9.44 -2.16 -4.62
CA LYS A 46 9.73 -3.29 -3.70
C LYS A 46 9.15 -3.01 -2.30
N GLU A 47 9.17 -1.77 -1.89
CA GLU A 47 8.62 -1.43 -0.55
C GLU A 47 7.11 -1.22 -0.66
N ILE A 48 6.65 -0.74 -1.78
CA ILE A 48 5.19 -0.52 -1.97
C ILE A 48 4.46 -1.86 -2.01
N ASN A 49 5.03 -2.84 -2.66
CA ASN A 49 4.37 -4.17 -2.74
C ASN A 49 4.31 -4.83 -1.36
N ARG A 50 5.41 -4.97 -0.68
CA ARG A 50 5.36 -5.63 0.65
C ARG A 50 4.37 -4.89 1.55
N VAL A 51 4.17 -3.62 1.30
CA VAL A 51 3.20 -2.84 2.10
C VAL A 51 1.80 -2.99 1.50
N LEU A 52 1.69 -2.83 0.20
CA LEU A 52 0.37 -2.98 -0.46
C LEU A 52 -0.27 -4.31 -0.05
N TYR A 53 0.50 -5.36 -0.01
CA TYR A 53 -0.05 -6.68 0.39
C TYR A 53 -0.41 -6.64 1.87
N SER A 54 0.44 -6.09 2.68
CA SER A 54 0.15 -6.00 4.14
C SER A 54 -1.20 -5.31 4.34
N LEU A 55 -1.41 -4.22 3.66
CA LEU A 55 -2.71 -3.51 3.77
C LEU A 55 -3.82 -4.39 3.22
N ALA A 56 -3.64 -4.88 2.03
CA ALA A 56 -4.66 -5.78 1.41
C ALA A 56 -4.89 -7.00 2.30
N LYS A 57 -3.87 -7.44 2.99
CA LYS A 57 -4.03 -8.63 3.88
C LYS A 57 -4.42 -8.19 5.29
N LYS A 58 -4.81 -6.95 5.45
CA LYS A 58 -5.21 -6.47 6.80
C LYS A 58 -6.72 -6.18 6.84
N GLY A 59 -7.33 -5.99 5.70
CA GLY A 59 -8.79 -5.72 5.66
C GLY A 59 -9.01 -4.21 5.51
N LYS A 60 -8.02 -3.50 5.03
CA LYS A 60 -8.19 -2.03 4.85
C LYS A 60 -8.03 -1.64 3.38
N LEU A 61 -7.21 -2.35 2.64
CA LEU A 61 -7.02 -1.99 1.21
C LEU A 61 -7.94 -2.85 0.32
N GLN A 62 -8.11 -2.44 -0.89
CA GLN A 62 -8.97 -3.21 -1.84
C GLN A 62 -8.29 -3.28 -3.21
N LYS A 63 -7.56 -4.33 -3.47
CA LYS A 63 -6.86 -4.45 -4.78
C LYS A 63 -7.88 -4.64 -5.91
N GLU A 64 -7.56 -4.15 -7.08
CA GLU A 64 -8.49 -4.28 -8.22
C GLU A 64 -7.85 -5.14 -9.32
N ALA A 65 -8.40 -6.30 -9.58
CA ALA A 65 -7.82 -7.18 -10.64
C ALA A 65 -7.57 -6.40 -11.93
N GLY A 66 -6.46 -6.64 -12.57
CA GLY A 66 -6.16 -5.91 -13.83
C GLY A 66 -4.66 -6.01 -14.12
N THR A 67 -4.16 -5.18 -14.99
CA THR A 67 -2.70 -5.23 -15.31
C THR A 67 -2.19 -3.82 -15.69
N PRO A 68 -1.57 -3.12 -14.76
CA PRO A 68 -1.34 -3.66 -13.38
C PRO A 68 -2.59 -3.49 -12.51
N PRO A 69 -2.66 -4.25 -11.45
CA PRO A 69 -3.82 -4.18 -10.53
C PRO A 69 -3.80 -2.86 -9.77
N LEU A 70 -4.95 -2.29 -9.52
CA LEU A 70 -4.99 -0.98 -8.79
C LEU A 70 -5.32 -1.22 -7.31
N TRP A 71 -4.94 -0.32 -6.46
CA TRP A 71 -5.25 -0.48 -5.01
C TRP A 71 -6.04 0.71 -4.48
N LYS A 72 -7.05 0.46 -3.68
CA LYS A 72 -7.85 1.59 -3.12
C LYS A 72 -8.39 1.19 -1.74
N ILE A 73 -8.50 2.14 -0.84
CA ILE A 73 -9.01 1.82 0.52
C ILE A 73 -10.30 1.00 0.44
N ALA A 74 -10.39 -0.05 1.20
CA ALA A 74 -11.62 -0.89 1.18
C ALA A 74 -12.66 -0.34 2.14
N VAL A 75 -13.52 0.53 1.67
CA VAL A 75 -14.56 1.11 2.58
C VAL A 75 -15.93 0.54 2.23
N SER A 76 -16.25 -0.62 2.75
CA SER A 76 -17.58 -1.23 2.46
C SER A 76 -18.54 -1.02 3.63
N ASP A 77 -19.28 0.06 3.61
CA ASP A 77 -20.24 0.32 4.72
C ASP A 77 -21.55 -0.44 4.49
N LEU A 2 22.88 -7.55 11.45
CA LEU A 2 21.99 -8.74 11.58
C LEU A 2 20.96 -8.51 12.69
N SER A 3 21.40 -8.15 13.86
CA SER A 3 20.44 -7.91 14.98
C SER A 3 19.34 -6.94 14.55
N SER A 4 19.60 -6.13 13.55
CA SER A 4 18.57 -5.16 13.08
C SER A 4 17.66 -5.81 12.03
N HIS A 5 18.24 -6.54 11.11
CA HIS A 5 17.41 -7.20 10.06
C HIS A 5 16.27 -8.01 10.70
N PHE A 6 16.44 -8.41 11.93
CA PHE A 6 15.37 -9.21 12.59
C PHE A 6 14.25 -8.32 13.12
N GLN A 7 14.52 -7.05 13.30
CA GLN A 7 13.48 -6.13 13.83
C GLN A 7 12.69 -5.48 12.69
N GLU A 8 12.52 -6.17 11.60
CA GLU A 8 11.75 -5.59 10.45
C GLU A 8 10.26 -5.56 10.77
N LEU A 9 9.88 -4.86 11.82
CA LEU A 9 8.43 -4.80 12.18
C LEU A 9 7.90 -3.39 11.97
N SER A 10 8.13 -2.50 12.90
CA SER A 10 7.63 -1.10 12.74
C SER A 10 8.29 -0.43 11.53
N ILE A 11 9.33 -1.00 10.99
CA ILE A 11 10.02 -0.38 9.83
C ILE A 11 9.07 -0.26 8.63
N TYR A 12 8.19 -1.21 8.42
CA TYR A 12 7.24 -1.08 7.27
C TYR A 12 6.02 -0.27 7.71
N GLN A 13 5.83 -0.09 8.99
CA GLN A 13 4.67 0.72 9.45
C GLN A 13 4.77 2.12 8.84
N ASP A 14 5.95 2.68 8.83
CA ASP A 14 6.11 4.02 8.20
C ASP A 14 5.72 3.91 6.72
N GLN A 15 6.09 2.82 6.11
CA GLN A 15 5.75 2.59 4.68
C GLN A 15 4.23 2.40 4.54
N GLU A 16 3.64 1.68 5.45
CA GLU A 16 2.17 1.45 5.40
C GLU A 16 1.43 2.77 5.58
N GLN A 17 1.69 3.48 6.65
CA GLN A 17 1.01 4.77 6.88
C GLN A 17 1.19 5.68 5.66
N ARG A 18 2.29 5.56 4.98
CA ARG A 18 2.53 6.39 3.78
C ARG A 18 1.54 6.01 2.68
N ILE A 19 1.41 4.73 2.40
CA ILE A 19 0.46 4.29 1.35
C ILE A 19 -0.99 4.45 1.86
N LEU A 20 -1.25 4.03 3.05
CA LEU A 20 -2.63 4.15 3.61
C LEU A 20 -3.13 5.59 3.48
N LYS A 21 -2.39 6.53 3.99
CA LYS A 21 -2.83 7.96 3.89
C LYS A 21 -3.09 8.32 2.42
N PHE A 22 -2.14 8.07 1.56
CA PHE A 22 -2.35 8.39 0.12
C PHE A 22 -3.63 7.69 -0.37
N LEU A 23 -3.73 6.41 -0.13
CA LEU A 23 -4.96 5.68 -0.58
C LEU A 23 -6.19 6.37 0.01
N GLU A 24 -6.06 6.97 1.16
CA GLU A 24 -7.21 7.67 1.79
C GLU A 24 -7.45 9.03 1.13
N GLU A 25 -6.40 9.66 0.64
CA GLU A 25 -6.59 11.00 0.00
C GLU A 25 -7.30 10.87 -1.35
N LEU A 26 -7.24 9.73 -1.96
CA LEU A 26 -7.93 9.56 -3.28
C LEU A 26 -9.40 9.96 -3.16
N GLY A 27 -10.24 9.06 -2.73
CA GLY A 27 -11.69 9.40 -2.59
C GLY A 27 -12.40 9.22 -3.93
N GLU A 28 -11.88 9.80 -4.98
CA GLU A 28 -12.52 9.67 -6.31
C GLU A 28 -12.87 8.20 -6.61
N GLY A 29 -12.15 7.28 -6.03
CA GLY A 29 -12.44 5.84 -6.28
C GLY A 29 -11.39 5.27 -7.23
N LYS A 30 -10.84 6.09 -8.09
CA LYS A 30 -9.82 5.59 -9.05
C LYS A 30 -8.65 4.97 -8.27
N ALA A 31 -8.71 3.70 -8.00
CA ALA A 31 -7.61 3.03 -7.25
C ALA A 31 -6.26 3.34 -7.91
N THR A 32 -5.18 3.19 -7.17
CA THR A 32 -3.84 3.47 -7.74
C THR A 32 -2.99 2.21 -7.74
N THR A 33 -2.19 2.01 -8.75
CA THR A 33 -1.33 0.79 -8.82
C THR A 33 -0.05 1.00 -8.02
N ALA A 34 0.57 -0.07 -7.57
CA ALA A 34 1.83 0.09 -6.78
C ALA A 34 2.79 1.02 -7.51
N HIS A 35 2.71 1.07 -8.81
CA HIS A 35 3.59 1.97 -9.58
C HIS A 35 3.30 3.42 -9.16
N ASP A 36 2.06 3.80 -9.18
CA ASP A 36 1.70 5.20 -8.76
C ASP A 36 1.97 5.37 -7.27
N LEU A 37 1.98 4.29 -6.53
CA LEU A 37 2.24 4.38 -5.06
C LEU A 37 3.69 4.84 -4.83
N SER A 38 4.63 4.18 -5.46
CA SER A 38 6.05 4.57 -5.28
C SER A 38 6.29 6.00 -5.78
N GLY A 39 5.49 6.45 -6.69
CA GLY A 39 5.66 7.84 -7.22
C GLY A 39 4.97 8.82 -6.28
N LYS A 40 3.68 8.66 -6.08
CA LYS A 40 2.95 9.58 -5.17
C LYS A 40 3.65 9.68 -3.82
N LEU A 41 4.37 8.65 -3.45
CA LEU A 41 5.07 8.66 -2.14
C LEU A 41 6.59 8.77 -2.34
N GLY A 42 7.16 7.86 -3.09
CA GLY A 42 8.63 7.89 -3.32
C GLY A 42 9.21 6.52 -2.98
N THR A 43 8.54 5.76 -2.17
CA THR A 43 9.05 4.41 -1.79
C THR A 43 9.19 3.53 -3.04
N PRO A 44 10.19 2.68 -3.05
CA PRO A 44 10.42 1.79 -4.20
C PRO A 44 9.32 0.74 -4.29
N LYS A 45 8.95 0.33 -5.47
CA LYS A 45 7.86 -0.68 -5.62
C LYS A 45 8.09 -1.87 -4.69
N LYS A 46 9.29 -2.39 -4.64
CA LYS A 46 9.58 -3.55 -3.74
C LYS A 46 9.03 -3.27 -2.33
N GLU A 47 9.03 -2.02 -1.93
CA GLU A 47 8.50 -1.68 -0.58
C GLU A 47 7.00 -1.39 -0.69
N ILE A 48 6.57 -0.94 -1.82
CA ILE A 48 5.12 -0.65 -2.01
C ILE A 48 4.33 -1.96 -2.04
N ASN A 49 4.87 -2.98 -2.66
CA ASN A 49 4.14 -4.27 -2.72
C ASN A 49 4.10 -4.94 -1.33
N ARG A 50 5.23 -5.08 -0.68
CA ARG A 50 5.20 -5.72 0.67
C ARG A 50 4.24 -4.93 1.57
N VAL A 51 4.07 -3.66 1.29
CA VAL A 51 3.12 -2.84 2.09
C VAL A 51 1.72 -2.98 1.51
N LEU A 52 1.58 -2.80 0.21
CA LEU A 52 0.25 -2.95 -0.42
C LEU A 52 -0.35 -4.31 -0.05
N TYR A 53 0.46 -5.34 -0.12
CA TYR A 53 -0.03 -6.69 0.23
C TYR A 53 -0.38 -6.73 1.72
N SER A 54 0.47 -6.14 2.53
CA SER A 54 0.19 -6.11 4.00
C SER A 54 -1.17 -5.47 4.25
N LEU A 55 -1.39 -4.32 3.67
CA LEU A 55 -2.71 -3.64 3.85
C LEU A 55 -3.81 -4.54 3.29
N ALA A 56 -3.62 -5.00 2.10
CA ALA A 56 -4.64 -5.90 1.47
C ALA A 56 -4.83 -7.16 2.32
N LYS A 57 -3.90 -7.45 3.19
CA LYS A 57 -4.02 -8.68 4.03
C LYS A 57 -4.86 -8.41 5.30
N LYS A 58 -4.71 -7.26 5.90
CA LYS A 58 -5.49 -6.98 7.14
C LYS A 58 -6.96 -6.70 6.80
N GLY A 59 -7.24 -6.37 5.57
CA GLY A 59 -8.65 -6.10 5.17
C GLY A 59 -8.89 -4.58 5.14
N LYS A 60 -7.85 -3.80 4.99
CA LYS A 60 -8.03 -2.33 4.94
C LYS A 60 -7.88 -1.82 3.51
N LEU A 61 -7.25 -2.57 2.67
CA LEU A 61 -7.08 -2.13 1.25
C LEU A 61 -7.98 -2.93 0.33
N GLN A 62 -8.16 -2.45 -0.87
CA GLN A 62 -9.02 -3.17 -1.85
C GLN A 62 -8.32 -3.23 -3.21
N LYS A 63 -7.61 -4.29 -3.48
CA LYS A 63 -6.89 -4.39 -4.79
C LYS A 63 -7.89 -4.52 -5.93
N GLU A 64 -7.54 -4.01 -7.09
CA GLU A 64 -8.47 -4.11 -8.25
C GLU A 64 -7.83 -4.94 -9.36
N ALA A 65 -8.41 -6.08 -9.66
CA ALA A 65 -7.84 -6.95 -10.73
C ALA A 65 -7.53 -6.15 -12.00
N GLY A 66 -6.42 -6.40 -12.62
CA GLY A 66 -6.07 -5.64 -13.86
C GLY A 66 -4.57 -5.77 -14.11
N THR A 67 -4.03 -4.96 -14.99
CA THR A 67 -2.57 -5.03 -15.28
C THR A 67 -2.03 -3.62 -15.60
N PRO A 68 -1.39 -2.99 -14.63
CA PRO A 68 -1.19 -3.58 -13.28
C PRO A 68 -2.46 -3.41 -12.43
N PRO A 69 -2.55 -4.21 -11.39
CA PRO A 69 -3.72 -4.14 -10.48
C PRO A 69 -3.69 -2.83 -9.68
N LEU A 70 -4.82 -2.20 -9.50
CA LEU A 70 -4.84 -0.92 -8.73
C LEU A 70 -5.21 -1.19 -7.27
N TRP A 71 -4.89 -0.27 -6.40
CA TRP A 71 -5.23 -0.46 -4.96
C TRP A 71 -6.04 0.73 -4.45
N LYS A 72 -7.02 0.48 -3.63
CA LYS A 72 -7.85 1.59 -3.08
C LYS A 72 -8.42 1.20 -1.71
N ILE A 73 -8.60 2.15 -0.84
CA ILE A 73 -9.15 1.83 0.52
C ILE A 73 -10.44 1.01 0.39
N ALA A 74 -10.59 0.01 1.19
CA ALA A 74 -11.83 -0.83 1.12
C ALA A 74 -13.01 -0.08 1.75
N VAL A 75 -12.99 0.13 3.04
CA VAL A 75 -14.12 0.84 3.69
C VAL A 75 -13.70 2.28 4.05
N SER A 76 -14.09 3.23 3.23
CA SER A 76 -13.72 4.65 3.53
C SER A 76 -14.70 5.26 4.50
N ASP A 77 -14.26 5.63 5.68
CA ASP A 77 -15.19 6.24 6.68
C ASP A 77 -14.42 7.21 7.57
N LEU A 2 21.74 -8.37 5.58
CA LEU A 2 20.90 -9.60 5.47
C LEU A 2 20.27 -9.94 6.82
N SER A 3 21.00 -9.72 7.88
CA SER A 3 20.45 -10.03 9.23
C SER A 3 19.26 -9.12 9.55
N SER A 4 19.18 -8.00 8.89
CA SER A 4 18.05 -7.06 9.15
C SER A 4 16.84 -7.44 8.29
N HIS A 5 17.07 -7.99 7.13
CA HIS A 5 15.94 -8.38 6.25
C HIS A 5 14.97 -9.29 7.02
N PHE A 6 15.49 -10.16 7.83
CA PHE A 6 14.59 -11.07 8.62
C PHE A 6 13.84 -10.27 9.66
N GLN A 7 14.39 -9.17 10.09
CA GLN A 7 13.73 -8.33 11.12
C GLN A 7 12.95 -7.18 10.45
N GLU A 8 12.09 -7.51 9.51
CA GLU A 8 11.31 -6.45 8.83
C GLU A 8 9.99 -6.19 9.56
N LEU A 9 10.02 -6.16 10.86
CA LEU A 9 8.77 -5.91 11.64
C LEU A 9 8.72 -4.46 12.10
N SER A 10 7.55 -3.86 12.12
CA SER A 10 7.39 -2.43 12.56
C SER A 10 7.95 -1.46 11.50
N ILE A 11 9.17 -1.67 11.09
CA ILE A 11 9.79 -0.78 10.06
C ILE A 11 8.82 -0.53 8.89
N TYR A 12 8.05 -1.50 8.50
CA TYR A 12 7.10 -1.28 7.37
C TYR A 12 5.86 -0.52 7.85
N GLN A 13 5.67 -0.41 9.14
CA GLN A 13 4.50 0.35 9.65
C GLN A 13 4.58 1.77 9.13
N ASP A 14 5.74 2.36 9.17
CA ASP A 14 5.90 3.74 8.65
C ASP A 14 5.56 3.73 7.15
N GLN A 15 5.94 2.68 6.47
CA GLN A 15 5.63 2.57 5.02
C GLN A 15 4.12 2.41 4.84
N GLU A 16 3.50 1.60 5.67
CA GLU A 16 2.03 1.41 5.56
C GLU A 16 1.32 2.75 5.67
N GLN A 17 1.68 3.55 6.64
CA GLN A 17 1.03 4.88 6.79
C GLN A 17 1.19 5.68 5.51
N ARG A 18 2.37 5.69 4.96
CA ARG A 18 2.60 6.44 3.69
C ARG A 18 1.61 6.00 2.62
N ILE A 19 1.49 4.72 2.40
CA ILE A 19 0.54 4.22 1.37
C ILE A 19 -0.90 4.35 1.89
N LEU A 20 -1.14 4.02 3.12
CA LEU A 20 -2.53 4.13 3.67
C LEU A 20 -3.04 5.56 3.52
N LYS A 21 -2.30 6.52 4.03
CA LYS A 21 -2.76 7.94 3.91
C LYS A 21 -3.03 8.28 2.44
N PHE A 22 -2.10 7.98 1.58
CA PHE A 22 -2.32 8.29 0.13
C PHE A 22 -3.60 7.61 -0.35
N LEU A 23 -3.68 6.30 -0.23
CA LEU A 23 -4.90 5.58 -0.70
C LEU A 23 -6.15 6.26 -0.12
N GLU A 24 -6.03 6.86 1.04
CA GLU A 24 -7.19 7.55 1.65
C GLU A 24 -7.43 8.91 0.98
N GLU A 25 -6.38 9.57 0.56
CA GLU A 25 -6.57 10.92 -0.08
C GLU A 25 -7.26 10.78 -1.44
N LEU A 26 -7.25 9.60 -2.02
CA LEU A 26 -7.92 9.42 -3.34
C LEU A 26 -9.37 9.91 -3.27
N GLY A 27 -10.26 9.10 -2.78
CA GLY A 27 -11.68 9.52 -2.69
C GLY A 27 -12.38 9.27 -4.03
N GLU A 28 -11.83 9.79 -5.09
CA GLU A 28 -12.47 9.60 -6.44
C GLU A 28 -12.83 8.12 -6.66
N GLY A 29 -12.15 7.23 -6.00
CA GLY A 29 -12.46 5.78 -6.18
C GLY A 29 -11.43 5.14 -7.11
N LYS A 30 -10.97 5.88 -8.09
CA LYS A 30 -9.96 5.32 -9.03
C LYS A 30 -8.77 4.75 -8.26
N ALA A 31 -8.79 3.48 -7.97
CA ALA A 31 -7.65 2.87 -7.21
C ALA A 31 -6.32 3.20 -7.89
N THR A 32 -5.26 3.26 -7.14
CA THR A 32 -3.93 3.57 -7.74
C THR A 32 -3.07 2.31 -7.80
N THR A 33 -2.24 2.19 -8.79
CA THR A 33 -1.36 0.97 -8.91
C THR A 33 -0.09 1.13 -8.09
N ALA A 34 0.53 0.05 -7.70
CA ALA A 34 1.78 0.14 -6.91
C ALA A 34 2.76 1.11 -7.58
N HIS A 35 2.83 1.09 -8.88
CA HIS A 35 3.74 2.03 -9.59
C HIS A 35 3.37 3.46 -9.14
N ASP A 36 2.11 3.74 -9.05
CA ASP A 36 1.68 5.09 -8.59
C ASP A 36 2.01 5.24 -7.11
N LEU A 37 1.80 4.20 -6.34
CA LEU A 37 2.14 4.25 -4.88
C LEU A 37 3.60 4.68 -4.74
N SER A 38 4.45 4.05 -5.50
CA SER A 38 5.91 4.36 -5.43
C SER A 38 6.17 5.79 -5.94
N GLY A 39 5.38 6.26 -6.87
CA GLY A 39 5.57 7.64 -7.39
C GLY A 39 4.91 8.64 -6.45
N LYS A 40 3.63 8.49 -6.22
CA LYS A 40 2.91 9.43 -5.31
C LYS A 40 3.67 9.58 -3.99
N LEU A 41 4.39 8.58 -3.60
CA LEU A 41 5.13 8.63 -2.31
C LEU A 41 6.63 8.73 -2.55
N GLY A 42 7.16 7.90 -3.40
CA GLY A 42 8.62 7.93 -3.67
C GLY A 42 9.24 6.59 -3.27
N THR A 43 8.59 5.86 -2.40
CA THR A 43 9.13 4.55 -1.96
C THR A 43 9.29 3.61 -3.17
N PRO A 44 10.30 2.78 -3.13
CA PRO A 44 10.54 1.83 -4.25
C PRO A 44 9.41 0.80 -4.32
N LYS A 45 9.03 0.41 -5.50
CA LYS A 45 7.92 -0.59 -5.66
C LYS A 45 8.10 -1.78 -4.71
N LYS A 46 9.29 -2.31 -4.61
CA LYS A 46 9.53 -3.47 -3.70
C LYS A 46 8.94 -3.18 -2.32
N GLU A 47 9.07 -1.97 -1.85
CA GLU A 47 8.50 -1.63 -0.51
C GLU A 47 7.00 -1.36 -0.67
N ILE A 48 6.61 -0.90 -1.82
CA ILE A 48 5.17 -0.61 -2.07
C ILE A 48 4.38 -1.92 -2.14
N ASN A 49 4.79 -2.83 -2.99
CA ASN A 49 4.07 -4.12 -3.08
C ASN A 49 4.03 -4.79 -1.71
N ARG A 50 5.16 -4.90 -1.08
CA ARG A 50 5.21 -5.51 0.27
C ARG A 50 4.18 -4.85 1.19
N VAL A 51 4.25 -3.56 1.30
CA VAL A 51 3.29 -2.82 2.17
C VAL A 51 1.87 -2.95 1.57
N LEU A 52 1.74 -2.81 0.28
CA LEU A 52 0.40 -2.94 -0.36
C LEU A 52 -0.25 -4.26 0.08
N TYR A 53 0.48 -5.34 -0.01
CA TYR A 53 -0.09 -6.65 0.41
C TYR A 53 -0.43 -6.61 1.90
N SER A 54 0.43 -6.06 2.70
CA SER A 54 0.15 -5.96 4.16
C SER A 54 -1.20 -5.28 4.37
N LEU A 55 -1.45 -4.22 3.65
CA LEU A 55 -2.75 -3.52 3.79
C LEU A 55 -3.86 -4.41 3.23
N ALA A 56 -3.67 -4.91 2.04
CA ALA A 56 -4.69 -5.80 1.42
C ALA A 56 -4.89 -7.05 2.29
N LYS A 57 -3.97 -7.34 3.17
CA LYS A 57 -4.11 -8.55 4.04
C LYS A 57 -4.94 -8.24 5.29
N LYS A 58 -4.72 -7.12 5.92
CA LYS A 58 -5.50 -6.79 7.14
C LYS A 58 -6.97 -6.49 6.79
N GLY A 59 -7.28 -6.33 5.54
CA GLY A 59 -8.68 -6.05 5.14
C GLY A 59 -8.90 -4.53 5.12
N LYS A 60 -7.85 -3.77 4.96
CA LYS A 60 -8.00 -2.29 4.93
C LYS A 60 -7.86 -1.77 3.49
N LEU A 61 -7.24 -2.54 2.63
CA LEU A 61 -7.07 -2.09 1.22
C LEU A 61 -8.00 -2.87 0.29
N GLN A 62 -8.19 -2.39 -0.89
CA GLN A 62 -9.06 -3.10 -1.87
C GLN A 62 -8.36 -3.19 -3.22
N LYS A 63 -7.62 -4.25 -3.45
CA LYS A 63 -6.89 -4.38 -4.74
C LYS A 63 -7.88 -4.55 -5.90
N GLU A 64 -7.53 -4.05 -7.06
CA GLU A 64 -8.44 -4.17 -8.23
C GLU A 64 -7.77 -4.99 -9.33
N ALA A 65 -8.28 -6.17 -9.60
CA ALA A 65 -7.66 -7.03 -10.65
C ALA A 65 -7.41 -6.22 -11.93
N GLY A 66 -6.20 -6.21 -12.40
CA GLY A 66 -5.89 -5.45 -13.65
C GLY A 66 -4.38 -5.48 -13.90
N THR A 67 -3.93 -4.94 -15.00
CA THR A 67 -2.48 -4.94 -15.30
C THR A 67 -2.00 -3.51 -15.63
N PRO A 68 -1.40 -2.83 -14.67
CA PRO A 68 -1.17 -3.40 -13.31
C PRO A 68 -2.43 -3.28 -12.44
N PRO A 69 -2.48 -4.06 -11.40
CA PRO A 69 -3.65 -4.03 -10.49
C PRO A 69 -3.66 -2.73 -9.69
N LEU A 70 -4.81 -2.16 -9.46
CA LEU A 70 -4.86 -0.89 -8.69
C LEU A 70 -5.22 -1.16 -7.22
N TRP A 71 -4.95 -0.22 -6.35
CA TRP A 71 -5.26 -0.41 -4.91
C TRP A 71 -6.08 0.77 -4.37
N LYS A 72 -7.12 0.50 -3.63
CA LYS A 72 -7.94 1.60 -3.07
C LYS A 72 -8.47 1.21 -1.69
N ILE A 73 -8.51 2.13 -0.76
CA ILE A 73 -9.01 1.82 0.61
C ILE A 73 -10.33 1.05 0.54
N ALA A 74 -10.44 -0.01 1.31
CA ALA A 74 -11.69 -0.81 1.30
C ALA A 74 -12.74 -0.17 2.21
N VAL A 75 -13.79 0.37 1.65
CA VAL A 75 -14.84 1.01 2.49
C VAL A 75 -15.79 -0.06 3.04
N SER A 76 -15.30 -0.94 3.85
CA SER A 76 -16.18 -2.01 4.42
C SER A 76 -16.44 -1.74 5.90
N ASP A 77 -17.59 -1.20 6.22
CA ASP A 77 -17.91 -0.92 7.65
C ASP A 77 -19.42 -0.95 7.88
N LEU A 2 22.00 -8.30 9.19
CA LEU A 2 20.99 -9.38 9.01
C LEU A 2 20.05 -9.44 10.22
N SER A 3 20.55 -9.12 11.39
CA SER A 3 19.68 -9.15 12.60
C SER A 3 18.51 -8.17 12.43
N SER A 4 18.76 -7.05 11.80
CA SER A 4 17.66 -6.06 11.59
C SER A 4 16.68 -6.55 10.52
N HIS A 5 17.04 -7.59 9.79
CA HIS A 5 16.12 -8.10 8.73
C HIS A 5 14.99 -8.91 9.34
N PHE A 6 15.30 -9.94 10.08
CA PHE A 6 14.22 -10.77 10.69
C PHE A 6 13.36 -9.91 11.62
N GLN A 7 13.89 -8.80 12.08
CA GLN A 7 13.09 -7.92 12.97
C GLN A 7 12.20 -6.99 12.14
N GLU A 8 12.11 -7.21 10.85
CA GLU A 8 11.26 -6.33 10.00
C GLU A 8 9.79 -6.43 10.43
N LEU A 9 9.42 -5.70 11.46
CA LEU A 9 8.00 -5.75 11.92
C LEU A 9 7.39 -4.35 11.89
N SER A 10 7.59 -3.57 12.91
CA SER A 10 7.02 -2.19 12.91
C SER A 10 7.69 -1.33 11.84
N ILE A 11 8.77 -1.79 11.28
CA ILE A 11 9.47 -0.99 10.23
C ILE A 11 8.57 -0.78 9.01
N TYR A 12 7.79 -1.76 8.64
CA TYR A 12 6.89 -1.55 7.45
C TYR A 12 5.60 -0.86 7.90
N GLN A 13 5.32 -0.85 9.18
CA GLN A 13 4.08 -0.17 9.66
C GLN A 13 4.14 1.30 9.23
N ASP A 14 5.28 1.92 9.37
CA ASP A 14 5.40 3.33 8.94
C ASP A 14 5.14 3.40 7.44
N GLN A 15 5.64 2.44 6.71
CA GLN A 15 5.40 2.40 5.24
C GLN A 15 3.91 2.21 4.98
N GLU A 16 3.25 1.44 5.80
CA GLU A 16 1.79 1.21 5.61
C GLU A 16 1.05 2.53 5.78
N GLN A 17 1.32 3.25 6.84
CA GLN A 17 0.66 4.56 7.05
C GLN A 17 0.91 5.45 5.83
N ARG A 18 2.12 5.44 5.34
CA ARG A 18 2.46 6.27 4.15
C ARG A 18 1.53 5.91 2.98
N ILE A 19 1.41 4.65 2.68
CA ILE A 19 0.51 4.24 1.55
C ILE A 19 -0.96 4.32 1.99
N LEU A 20 -1.27 3.90 3.19
CA LEU A 20 -2.68 3.96 3.66
C LEU A 20 -3.23 5.38 3.60
N LYS A 21 -2.53 6.33 4.16
CA LYS A 21 -3.03 7.74 4.13
C LYS A 21 -3.21 8.21 2.68
N PHE A 22 -2.23 7.96 1.85
CA PHE A 22 -2.34 8.40 0.43
C PHE A 22 -3.65 7.88 -0.18
N LEU A 23 -3.82 6.58 -0.26
CA LEU A 23 -5.09 6.04 -0.84
C LEU A 23 -6.29 6.72 -0.19
N GLU A 24 -6.13 7.18 1.03
CA GLU A 24 -7.25 7.87 1.73
C GLU A 24 -7.40 9.30 1.20
N GLU A 25 -6.34 9.88 0.67
CA GLU A 25 -6.44 11.27 0.15
C GLU A 25 -7.06 11.28 -1.26
N LEU A 26 -7.00 10.18 -1.95
CA LEU A 26 -7.58 10.13 -3.32
C LEU A 26 -9.10 10.27 -3.27
N GLY A 27 -9.78 9.30 -2.73
CA GLY A 27 -11.27 9.38 -2.66
C GLY A 27 -11.86 8.83 -3.95
N GLU A 28 -11.41 9.32 -5.08
CA GLU A 28 -11.94 8.82 -6.37
C GLU A 28 -11.82 7.30 -6.44
N GLY A 29 -12.90 6.63 -6.74
CA GLY A 29 -12.88 5.14 -6.82
C GLY A 29 -11.68 4.68 -7.67
N LYS A 30 -11.23 5.51 -8.57
CA LYS A 30 -10.06 5.12 -9.41
C LYS A 30 -8.89 4.68 -8.53
N ALA A 31 -8.77 3.41 -8.26
CA ALA A 31 -7.65 2.93 -7.40
C ALA A 31 -6.30 3.25 -8.05
N THR A 32 -5.24 3.15 -7.30
CA THR A 32 -3.89 3.44 -7.88
C THR A 32 -3.03 2.19 -7.87
N THR A 33 -2.21 2.01 -8.86
CA THR A 33 -1.33 0.79 -8.92
C THR A 33 -0.06 1.01 -8.11
N ALA A 34 0.55 -0.04 -7.62
CA ALA A 34 1.81 0.12 -6.84
C ALA A 34 2.78 1.02 -7.60
N HIS A 35 2.71 1.02 -8.90
CA HIS A 35 3.61 1.90 -9.69
C HIS A 35 3.34 3.36 -9.30
N ASP A 36 2.10 3.74 -9.28
CA ASP A 36 1.75 5.15 -8.90
C ASP A 36 2.04 5.36 -7.40
N LEU A 37 2.03 4.29 -6.63
CA LEU A 37 2.31 4.43 -5.18
C LEU A 37 3.75 4.87 -4.95
N SER A 38 4.67 4.31 -5.70
CA SER A 38 6.10 4.69 -5.55
C SER A 38 6.32 6.14 -6.00
N GLY A 39 5.43 6.67 -6.79
CA GLY A 39 5.59 8.07 -7.25
C GLY A 39 5.02 9.03 -6.21
N LYS A 40 3.75 8.89 -5.92
CA LYS A 40 3.12 9.78 -4.90
C LYS A 40 3.92 9.75 -3.60
N LEU A 41 4.61 8.67 -3.35
CA LEU A 41 5.37 8.57 -2.07
C LEU A 41 6.87 8.62 -2.36
N GLY A 42 7.32 8.00 -3.42
CA GLY A 42 8.77 8.02 -3.74
C GLY A 42 9.37 6.64 -3.43
N THR A 43 8.75 5.91 -2.55
CA THR A 43 9.27 4.55 -2.20
C THR A 43 9.30 3.66 -3.45
N PRO A 44 10.28 2.80 -3.51
CA PRO A 44 10.41 1.88 -4.68
C PRO A 44 9.26 0.86 -4.68
N LYS A 45 8.81 0.47 -5.85
CA LYS A 45 7.69 -0.50 -5.93
C LYS A 45 7.92 -1.71 -5.01
N LYS A 46 9.10 -2.26 -5.02
CA LYS A 46 9.37 -3.44 -4.14
C LYS A 46 8.91 -3.16 -2.71
N GLU A 47 9.08 -1.95 -2.26
CA GLU A 47 8.65 -1.59 -0.88
C GLU A 47 7.15 -1.30 -0.91
N ILE A 48 6.67 -0.83 -2.02
CA ILE A 48 5.22 -0.52 -2.13
C ILE A 48 4.42 -1.83 -2.18
N ASN A 49 4.77 -2.72 -3.07
CA ASN A 49 4.04 -4.01 -3.16
C ASN A 49 4.06 -4.70 -1.79
N ARG A 50 5.21 -4.73 -1.17
CA ARG A 50 5.32 -5.38 0.17
C ARG A 50 4.28 -4.76 1.11
N VAL A 51 4.30 -3.47 1.24
CA VAL A 51 3.32 -2.78 2.14
C VAL A 51 1.91 -2.91 1.55
N LEU A 52 1.78 -2.77 0.26
CA LEU A 52 0.43 -2.89 -0.36
C LEU A 52 -0.20 -4.23 0.03
N TYR A 53 0.55 -5.28 -0.06
CA TYR A 53 0.02 -6.62 0.32
C TYR A 53 -0.37 -6.60 1.80
N SER A 54 0.47 -6.02 2.63
CA SER A 54 0.15 -5.95 4.08
C SER A 54 -1.21 -5.29 4.27
N LEU A 55 -1.40 -4.13 3.70
CA LEU A 55 -2.71 -3.44 3.83
C LEU A 55 -3.80 -4.36 3.29
N ALA A 56 -3.61 -4.87 2.10
CA ALA A 56 -4.61 -5.79 1.49
C ALA A 56 -4.82 -7.00 2.41
N LYS A 57 -3.77 -7.51 2.98
CA LYS A 57 -3.90 -8.69 3.89
C LYS A 57 -4.42 -8.25 5.26
N LYS A 58 -4.34 -6.98 5.55
CA LYS A 58 -4.83 -6.48 6.87
C LYS A 58 -6.34 -6.31 6.85
N GLY A 59 -6.89 -5.98 5.71
CA GLY A 59 -8.37 -5.79 5.62
C GLY A 59 -8.68 -4.29 5.50
N LYS A 60 -7.72 -3.50 5.11
CA LYS A 60 -7.97 -2.04 4.98
C LYS A 60 -7.82 -1.58 3.52
N LEU A 61 -7.23 -2.39 2.69
CA LEU A 61 -7.07 -1.99 1.26
C LEU A 61 -7.98 -2.80 0.35
N GLN A 62 -8.18 -2.34 -0.85
CA GLN A 62 -9.04 -3.08 -1.81
C GLN A 62 -8.33 -3.19 -3.15
N LYS A 63 -7.60 -4.25 -3.36
CA LYS A 63 -6.87 -4.42 -4.65
C LYS A 63 -7.84 -4.60 -5.81
N GLU A 64 -7.48 -4.13 -6.97
CA GLU A 64 -8.38 -4.28 -8.15
C GLU A 64 -7.70 -5.14 -9.22
N ALA A 65 -8.19 -6.34 -9.42
CA ALA A 65 -7.57 -7.24 -10.44
C ALA A 65 -7.36 -6.50 -11.76
N GLY A 66 -6.25 -6.76 -12.41
CA GLY A 66 -5.97 -6.07 -13.71
C GLY A 66 -4.47 -6.16 -14.01
N THR A 67 -3.96 -5.27 -14.80
CA THR A 67 -2.51 -5.30 -15.15
C THR A 67 -2.01 -3.90 -15.51
N PRO A 68 -1.38 -3.20 -14.58
CA PRO A 68 -1.16 -3.73 -13.20
C PRO A 68 -2.42 -3.57 -12.34
N PRO A 69 -2.48 -4.34 -11.29
CA PRO A 69 -3.65 -4.27 -10.37
C PRO A 69 -3.64 -2.95 -9.60
N LEU A 70 -4.77 -2.33 -9.45
CA LEU A 70 -4.83 -1.03 -8.72
C LEU A 70 -5.19 -1.26 -7.25
N TRP A 71 -4.91 -0.29 -6.41
CA TRP A 71 -5.25 -0.44 -4.97
C TRP A 71 -6.08 0.74 -4.48
N LYS A 72 -7.07 0.50 -3.66
CA LYS A 72 -7.91 1.62 -3.15
C LYS A 72 -8.44 1.28 -1.76
N ILE A 73 -8.52 2.26 -0.90
CA ILE A 73 -9.03 1.99 0.49
C ILE A 73 -10.34 1.21 0.43
N ALA A 74 -10.50 0.25 1.30
CA ALA A 74 -11.76 -0.56 1.30
C ALA A 74 -12.86 0.20 2.05
N VAL A 75 -13.91 0.57 1.35
CA VAL A 75 -15.02 1.31 2.01
C VAL A 75 -16.37 0.71 1.61
N SER A 76 -17.12 0.23 2.56
CA SER A 76 -18.44 -0.37 2.24
C SER A 76 -19.52 0.72 2.20
N ASP A 77 -19.86 1.18 1.03
CA ASP A 77 -20.91 2.23 0.93
C ASP A 77 -21.64 2.12 -0.41
N LEU A 2 20.80 -9.50 6.15
CA LEU A 2 19.92 -10.54 6.76
C LEU A 2 19.58 -10.16 8.20
N SER A 3 20.38 -9.34 8.81
CA SER A 3 20.11 -8.93 10.22
C SER A 3 18.85 -8.05 10.29
N SER A 4 18.50 -7.43 9.19
CA SER A 4 17.29 -6.56 9.18
C SER A 4 16.04 -7.39 8.90
N HIS A 5 16.13 -8.36 8.03
CA HIS A 5 14.95 -9.21 7.73
C HIS A 5 14.35 -9.76 9.01
N PHE A 6 15.17 -10.21 9.92
CA PHE A 6 14.65 -10.77 11.21
C PHE A 6 14.15 -9.62 12.09
N GLN A 7 14.66 -8.44 11.88
CA GLN A 7 14.23 -7.28 12.70
C GLN A 7 13.14 -6.49 11.98
N GLU A 8 12.21 -7.17 11.37
CA GLU A 8 11.11 -6.46 10.64
C GLU A 8 9.96 -6.17 11.62
N LEU A 9 8.73 -6.22 11.14
CA LEU A 9 7.57 -5.95 12.04
C LEU A 9 7.62 -4.51 12.55
N SER A 10 6.50 -3.83 12.55
CA SER A 10 6.46 -2.40 13.01
C SER A 10 7.12 -1.50 11.97
N ILE A 11 8.35 -1.77 11.67
CA ILE A 11 9.08 -0.96 10.65
C ILE A 11 8.22 -0.79 9.39
N TYR A 12 7.46 -1.78 9.01
CA TYR A 12 6.60 -1.64 7.80
C TYR A 12 5.30 -0.89 8.17
N GLN A 13 4.98 -0.81 9.44
CA GLN A 13 3.75 -0.09 9.85
C GLN A 13 3.85 1.35 9.35
N ASP A 14 4.99 1.96 9.49
CA ASP A 14 5.15 3.35 8.99
C ASP A 14 5.00 3.36 7.48
N GLN A 15 5.45 2.32 6.83
CA GLN A 15 5.33 2.24 5.35
C GLN A 15 3.85 2.13 4.96
N GLU A 16 3.08 1.39 5.72
CA GLU A 16 1.63 1.25 5.39
C GLU A 16 0.95 2.61 5.54
N GLN A 17 1.21 3.30 6.62
CA GLN A 17 0.58 4.64 6.81
C GLN A 17 0.90 5.52 5.62
N ARG A 18 2.13 5.48 5.17
CA ARG A 18 2.53 6.29 3.98
C ARG A 18 1.61 5.97 2.80
N ILE A 19 1.45 4.72 2.48
CA ILE A 19 0.56 4.34 1.35
C ILE A 19 -0.91 4.52 1.76
N LEU A 20 -1.25 4.15 2.97
CA LEU A 20 -2.66 4.30 3.43
C LEU A 20 -3.11 5.74 3.33
N LYS A 21 -2.38 6.66 3.89
CA LYS A 21 -2.78 8.09 3.82
C LYS A 21 -3.02 8.51 2.37
N PHE A 22 -2.15 8.10 1.48
CA PHE A 22 -2.32 8.47 0.05
C PHE A 22 -3.62 7.86 -0.49
N LEU A 23 -3.77 6.56 -0.44
CA LEU A 23 -5.02 5.95 -0.96
C LEU A 23 -6.24 6.63 -0.33
N GLU A 24 -6.07 7.19 0.84
CA GLU A 24 -7.20 7.90 1.50
C GLU A 24 -7.40 9.28 0.87
N GLU A 25 -6.35 9.91 0.41
CA GLU A 25 -6.52 11.26 -0.21
C GLU A 25 -7.23 11.15 -1.56
N LEU A 26 -7.21 10.00 -2.17
CA LEU A 26 -7.89 9.83 -3.48
C LEU A 26 -9.40 9.84 -3.29
N GLY A 27 -9.95 10.94 -2.82
CA GLY A 27 -11.42 11.01 -2.61
C GLY A 27 -12.15 10.65 -3.91
N GLU A 28 -11.60 11.03 -5.03
CA GLU A 28 -12.26 10.71 -6.33
C GLU A 28 -12.61 9.20 -6.40
N GLY A 29 -11.75 8.36 -5.90
CA GLY A 29 -12.04 6.90 -5.94
C GLY A 29 -11.08 6.21 -6.92
N LYS A 30 -10.53 6.95 -7.85
CA LYS A 30 -9.59 6.34 -8.83
C LYS A 30 -8.49 5.58 -8.10
N ALA A 31 -8.63 4.30 -7.96
CA ALA A 31 -7.59 3.50 -7.25
C ALA A 31 -6.21 3.76 -7.86
N THR A 32 -5.17 3.26 -7.25
CA THR A 32 -3.81 3.48 -7.81
C THR A 32 -3.01 2.17 -7.78
N THR A 33 -2.17 1.98 -8.76
CA THR A 33 -1.35 0.72 -8.80
C THR A 33 -0.07 0.90 -7.99
N ALA A 34 0.55 -0.18 -7.58
CA ALA A 34 1.82 -0.05 -6.81
C ALA A 34 2.81 0.82 -7.58
N HIS A 35 2.74 0.79 -8.88
CA HIS A 35 3.66 1.63 -9.69
C HIS A 35 3.38 3.11 -9.36
N ASP A 36 2.13 3.50 -9.41
CA ASP A 36 1.77 4.91 -9.09
C ASP A 36 2.06 5.18 -7.60
N LEU A 37 2.00 4.15 -6.80
CA LEU A 37 2.25 4.33 -5.34
C LEU A 37 3.69 4.82 -5.12
N SER A 38 4.64 4.18 -5.75
CA SER A 38 6.06 4.60 -5.59
C SER A 38 6.26 6.03 -6.11
N GLY A 39 5.37 6.49 -6.94
CA GLY A 39 5.51 7.86 -7.49
C GLY A 39 4.89 8.87 -6.50
N LYS A 40 3.62 8.74 -6.23
CA LYS A 40 2.96 9.67 -5.29
C LYS A 40 3.73 9.72 -3.96
N LEU A 41 4.44 8.67 -3.65
CA LEU A 41 5.20 8.64 -2.37
C LEU A 41 6.70 8.73 -2.63
N GLY A 42 7.17 8.10 -3.67
CA GLY A 42 8.64 8.15 -3.96
C GLY A 42 9.27 6.81 -3.58
N THR A 43 8.67 6.11 -2.67
CA THR A 43 9.23 4.79 -2.25
C THR A 43 9.30 3.84 -3.45
N PRO A 44 10.30 2.99 -3.45
CA PRO A 44 10.46 2.01 -4.57
C PRO A 44 9.31 0.99 -4.55
N LYS A 45 8.91 0.53 -5.70
CA LYS A 45 7.79 -0.47 -5.76
C LYS A 45 8.03 -1.63 -4.79
N LYS A 46 9.22 -2.16 -4.77
CA LYS A 46 9.52 -3.31 -3.85
C LYS A 46 9.00 -3.02 -2.43
N GLU A 47 9.16 -1.81 -1.97
CA GLU A 47 8.67 -1.47 -0.61
C GLU A 47 7.17 -1.21 -0.67
N ILE A 48 6.69 -0.79 -1.80
CA ILE A 48 5.23 -0.52 -1.96
C ILE A 48 4.45 -1.84 -2.00
N ASN A 49 4.99 -2.83 -2.65
CA ASN A 49 4.28 -4.13 -2.73
C ASN A 49 4.23 -4.81 -1.36
N ARG A 50 5.36 -4.92 -0.69
CA ARG A 50 5.33 -5.58 0.65
C ARG A 50 4.34 -4.84 1.55
N VAL A 51 4.11 -3.58 1.29
CA VAL A 51 3.12 -2.81 2.10
C VAL A 51 1.73 -2.99 1.49
N LEU A 52 1.62 -2.78 0.20
CA LEU A 52 0.30 -2.95 -0.47
C LEU A 52 -0.27 -4.33 -0.15
N TYR A 53 0.56 -5.34 -0.16
CA TYR A 53 0.07 -6.71 0.17
C TYR A 53 -0.24 -6.78 1.66
N SER A 54 0.63 -6.26 2.49
CA SER A 54 0.37 -6.27 3.95
C SER A 54 -0.96 -5.60 4.24
N LEU A 55 -1.22 -4.49 3.59
CA LEU A 55 -2.52 -3.80 3.81
C LEU A 55 -3.63 -4.65 3.23
N ALA A 56 -3.47 -5.10 2.01
CA ALA A 56 -4.51 -5.96 1.39
C ALA A 56 -4.72 -7.19 2.26
N LYS A 57 -3.70 -7.62 2.93
CA LYS A 57 -3.82 -8.80 3.83
C LYS A 57 -4.08 -8.33 5.27
N LYS A 58 -4.50 -7.10 5.44
CA LYS A 58 -4.76 -6.57 6.79
C LYS A 58 -6.26 -6.34 6.99
N GLY A 59 -7.01 -6.28 5.92
CA GLY A 59 -8.48 -6.06 6.05
C GLY A 59 -8.78 -4.57 5.90
N LYS A 60 -7.92 -3.85 5.22
CA LYS A 60 -8.15 -2.39 5.04
C LYS A 60 -8.01 -1.99 3.57
N LEU A 61 -7.09 -2.56 2.86
CA LEU A 61 -6.92 -2.20 1.42
C LEU A 61 -7.84 -3.03 0.54
N GLN A 62 -7.96 -2.66 -0.70
CA GLN A 62 -8.81 -3.42 -1.65
C GLN A 62 -8.15 -3.43 -3.04
N LYS A 63 -7.47 -4.48 -3.37
CA LYS A 63 -6.79 -4.54 -4.70
C LYS A 63 -7.82 -4.69 -5.82
N GLU A 64 -7.54 -4.15 -6.97
CA GLU A 64 -8.48 -4.27 -8.11
C GLU A 64 -7.85 -5.07 -9.24
N ALA A 65 -8.40 -6.22 -9.55
CA ALA A 65 -7.83 -7.06 -10.65
C ALA A 65 -7.57 -6.21 -11.89
N GLY A 66 -6.35 -6.20 -12.37
CA GLY A 66 -6.03 -5.40 -13.58
C GLY A 66 -4.52 -5.46 -13.84
N THR A 67 -4.10 -5.09 -15.01
CA THR A 67 -2.64 -5.12 -15.32
C THR A 67 -2.13 -3.70 -15.64
N PRO A 68 -1.49 -3.04 -14.69
CA PRO A 68 -1.25 -3.61 -13.34
C PRO A 68 -2.50 -3.45 -12.46
N PRO A 69 -2.56 -4.25 -11.42
CA PRO A 69 -3.72 -4.18 -10.49
C PRO A 69 -3.69 -2.88 -9.68
N LEU A 70 -4.83 -2.29 -9.46
CA LEU A 70 -4.87 -1.01 -8.70
C LEU A 70 -5.24 -1.27 -7.24
N TRP A 71 -4.92 -0.37 -6.35
CA TRP A 71 -5.26 -0.56 -4.92
C TRP A 71 -6.08 0.63 -4.41
N LYS A 72 -6.99 0.38 -3.51
CA LYS A 72 -7.82 1.49 -2.96
C LYS A 72 -8.30 1.15 -1.55
N ILE A 73 -8.33 2.11 -0.67
CA ILE A 73 -8.78 1.85 0.72
C ILE A 73 -10.13 1.13 0.71
N ALA A 74 -10.28 0.13 1.54
CA ALA A 74 -11.57 -0.63 1.58
C ALA A 74 -12.57 0.11 2.46
N VAL A 75 -13.26 1.08 1.91
CA VAL A 75 -14.26 1.84 2.71
C VAL A 75 -15.56 1.97 1.94
N SER A 76 -16.63 1.41 2.45
CA SER A 76 -17.94 1.51 1.74
C SER A 76 -19.05 1.88 2.71
N ASP A 77 -19.25 3.15 2.96
CA ASP A 77 -20.32 3.57 3.91
C ASP A 77 -20.99 4.85 3.41
N LEU A 2 17.46 -15.32 13.56
CA LEU A 2 16.19 -14.53 13.70
C LEU A 2 16.50 -13.15 14.29
N SER A 3 17.64 -12.98 14.88
CA SER A 3 17.98 -11.65 15.47
C SER A 3 17.89 -10.56 14.41
N SER A 4 17.95 -10.92 13.16
CA SER A 4 17.88 -9.90 12.08
C SER A 4 16.48 -9.89 11.47
N HIS A 5 15.77 -10.97 11.58
CA HIS A 5 14.38 -11.03 10.99
C HIS A 5 13.39 -10.18 11.79
N PHE A 6 13.60 -10.00 13.07
CA PHE A 6 12.64 -9.19 13.87
C PHE A 6 12.94 -7.68 13.74
N GLN A 7 14.18 -7.32 13.58
CA GLN A 7 14.50 -5.87 13.44
C GLN A 7 13.79 -5.29 12.21
N GLU A 8 13.33 -6.12 11.33
CA GLU A 8 12.62 -5.60 10.12
C GLU A 8 11.12 -5.89 10.21
N LEU A 9 10.52 -5.63 11.34
CA LEU A 9 9.07 -5.87 11.49
C LEU A 9 8.32 -4.54 11.55
N SER A 10 8.27 -3.91 12.70
CA SER A 10 7.56 -2.60 12.81
C SER A 10 8.02 -1.64 11.72
N ILE A 11 9.23 -1.78 11.26
CA ILE A 11 9.75 -0.87 10.19
C ILE A 11 8.73 -0.69 9.05
N TYR A 12 8.03 -1.74 8.67
CA TYR A 12 7.05 -1.58 7.56
C TYR A 12 5.80 -0.82 8.03
N GLN A 13 5.68 -0.56 9.31
CA GLN A 13 4.50 0.19 9.80
C GLN A 13 4.55 1.61 9.24
N ASP A 14 5.71 2.21 9.24
CA ASP A 14 5.85 3.59 8.70
C ASP A 14 5.59 3.55 7.19
N GLN A 15 5.93 2.46 6.56
CA GLN A 15 5.71 2.34 5.09
C GLN A 15 4.21 2.23 4.80
N GLU A 16 3.49 1.48 5.58
CA GLU A 16 2.03 1.33 5.34
C GLU A 16 1.34 2.69 5.51
N GLN A 17 1.66 3.41 6.56
CA GLN A 17 1.03 4.74 6.76
C GLN A 17 1.21 5.60 5.50
N ARG A 18 2.35 5.50 4.89
CA ARG A 18 2.60 6.29 3.65
C ARG A 18 1.57 5.94 2.58
N ILE A 19 1.40 4.67 2.31
CA ILE A 19 0.41 4.25 1.30
C ILE A 19 -1.02 4.35 1.87
N LEU A 20 -1.21 3.84 3.06
CA LEU A 20 -2.56 3.90 3.68
C LEU A 20 -3.13 5.32 3.61
N LYS A 21 -2.38 6.30 4.06
CA LYS A 21 -2.89 7.70 4.01
C LYS A 21 -3.13 8.13 2.56
N PHE A 22 -2.16 7.96 1.71
CA PHE A 22 -2.35 8.34 0.29
C PHE A 22 -3.59 7.64 -0.28
N LEU A 23 -3.65 6.34 -0.17
CA LEU A 23 -4.84 5.61 -0.70
C LEU A 23 -6.13 6.26 -0.19
N GLU A 24 -6.08 6.85 0.97
CA GLU A 24 -7.29 7.52 1.52
C GLU A 24 -7.53 8.87 0.83
N GLU A 25 -6.46 9.56 0.48
CA GLU A 25 -6.63 10.88 -0.19
C GLU A 25 -7.13 10.70 -1.63
N LEU A 26 -7.02 9.51 -2.16
CA LEU A 26 -7.48 9.29 -3.57
C LEU A 26 -8.91 9.81 -3.76
N GLY A 27 -9.83 9.38 -2.94
CA GLY A 27 -11.23 9.85 -3.10
C GLY A 27 -11.84 9.20 -4.34
N GLU A 28 -11.30 9.51 -5.50
CA GLU A 28 -11.85 8.91 -6.74
C GLU A 28 -11.74 7.38 -6.67
N GLY A 29 -12.83 6.70 -6.87
CA GLY A 29 -12.81 5.21 -6.81
C GLY A 29 -11.64 4.65 -7.63
N LYS A 30 -11.20 5.38 -8.62
CA LYS A 30 -10.06 4.90 -9.45
C LYS A 30 -8.87 4.52 -8.56
N ALA A 31 -8.76 3.28 -8.19
CA ALA A 31 -7.64 2.84 -7.31
C ALA A 31 -6.29 3.17 -7.98
N THR A 32 -5.22 3.13 -7.23
CA THR A 32 -3.89 3.43 -7.82
C THR A 32 -3.02 2.19 -7.83
N THR A 33 -2.21 2.03 -8.84
CA THR A 33 -1.33 0.82 -8.93
C THR A 33 -0.07 1.03 -8.11
N ALA A 34 0.53 -0.03 -7.61
CA ALA A 34 1.78 0.12 -6.80
C ALA A 34 2.77 1.02 -7.53
N HIS A 35 2.74 1.00 -8.84
CA HIS A 35 3.66 1.87 -9.62
C HIS A 35 3.38 3.33 -9.23
N ASP A 36 2.12 3.71 -9.20
CA ASP A 36 1.77 5.11 -8.83
C ASP A 36 2.05 5.33 -7.34
N LEU A 37 2.02 4.28 -6.55
CA LEU A 37 2.28 4.42 -5.10
C LEU A 37 3.72 4.87 -4.87
N SER A 38 4.65 4.27 -5.57
CA SER A 38 6.09 4.66 -5.40
C SER A 38 6.30 6.09 -5.88
N GLY A 39 5.44 6.58 -6.74
CA GLY A 39 5.61 7.97 -7.25
C GLY A 39 4.96 8.95 -6.27
N LYS A 40 3.69 8.80 -6.02
CA LYS A 40 3.00 9.71 -5.07
C LYS A 40 3.74 9.76 -3.74
N LEU A 41 4.44 8.72 -3.40
CA LEU A 41 5.16 8.68 -2.09
C LEU A 41 6.68 8.75 -2.32
N GLY A 42 7.16 8.11 -3.35
CA GLY A 42 8.63 8.12 -3.61
C GLY A 42 9.23 6.76 -3.22
N THR A 43 8.56 6.03 -2.38
CA THR A 43 9.09 4.69 -1.98
C THR A 43 9.23 3.79 -3.20
N PRO A 44 10.25 2.94 -3.18
CA PRO A 44 10.48 2.02 -4.31
C PRO A 44 9.36 0.98 -4.38
N LYS A 45 8.99 0.58 -5.56
CA LYS A 45 7.89 -0.43 -5.71
C LYS A 45 8.11 -1.63 -4.78
N LYS A 46 9.32 -2.14 -4.72
CA LYS A 46 9.60 -3.31 -3.83
C LYS A 46 9.05 -3.05 -2.43
N GLU A 47 9.09 -1.82 -1.98
CA GLU A 47 8.54 -1.50 -0.63
C GLU A 47 7.04 -1.27 -0.73
N ILE A 48 6.59 -0.78 -1.86
CA ILE A 48 5.14 -0.54 -2.04
C ILE A 48 4.39 -1.87 -2.10
N ASN A 49 4.98 -2.85 -2.72
CA ASN A 49 4.30 -4.19 -2.82
C ASN A 49 4.24 -4.85 -1.45
N ARG A 50 5.36 -5.02 -0.78
CA ARG A 50 5.32 -5.68 0.56
C ARG A 50 4.36 -4.91 1.47
N VAL A 51 4.15 -3.65 1.21
CA VAL A 51 3.20 -2.86 2.02
C VAL A 51 1.79 -2.99 1.44
N LEU A 52 1.66 -2.83 0.14
CA LEU A 52 0.32 -2.97 -0.50
C LEU A 52 -0.32 -4.29 -0.08
N TYR A 53 0.45 -5.36 -0.04
CA TYR A 53 -0.12 -6.66 0.38
C TYR A 53 -0.44 -6.62 1.87
N SER A 54 0.46 -6.09 2.67
CA SER A 54 0.21 -6.01 4.13
C SER A 54 -1.12 -5.29 4.37
N LEU A 55 -1.38 -4.24 3.62
CA LEU A 55 -2.66 -3.51 3.78
C LEU A 55 -3.80 -4.37 3.26
N ALA A 56 -3.64 -4.90 2.08
CA ALA A 56 -4.70 -5.76 1.50
C ALA A 56 -4.93 -6.99 2.38
N LYS A 57 -4.01 -7.30 3.26
CA LYS A 57 -4.16 -8.48 4.13
C LYS A 57 -4.98 -8.15 5.39
N LYS A 58 -4.73 -7.00 5.99
CA LYS A 58 -5.49 -6.64 7.22
C LYS A 58 -6.96 -6.33 6.89
N GLY A 59 -7.29 -6.23 5.62
CA GLY A 59 -8.70 -5.92 5.24
C GLY A 59 -8.89 -4.40 5.20
N LYS A 60 -7.83 -3.66 5.01
CA LYS A 60 -7.96 -2.18 4.96
C LYS A 60 -7.82 -1.68 3.53
N LEU A 61 -7.20 -2.45 2.67
CA LEU A 61 -7.03 -2.03 1.26
C LEU A 61 -7.96 -2.83 0.34
N GLN A 62 -8.15 -2.36 -0.85
CA GLN A 62 -9.04 -3.07 -1.82
C GLN A 62 -8.35 -3.16 -3.18
N LYS A 63 -7.62 -4.22 -3.43
CA LYS A 63 -6.92 -4.35 -4.73
C LYS A 63 -7.93 -4.48 -5.88
N GLU A 64 -7.59 -3.98 -7.03
CA GLU A 64 -8.52 -4.07 -8.19
C GLU A 64 -7.90 -4.92 -9.29
N ALA A 65 -8.49 -6.05 -9.60
CA ALA A 65 -7.93 -6.92 -10.67
C ALA A 65 -7.64 -6.12 -11.94
N GLY A 66 -6.41 -6.07 -12.36
CA GLY A 66 -6.07 -5.30 -13.59
C GLY A 66 -4.55 -5.39 -13.83
N THR A 67 -4.12 -5.02 -15.00
CA THR A 67 -2.65 -5.08 -15.30
C THR A 67 -2.11 -3.68 -15.65
N PRO A 68 -1.49 -3.02 -14.69
CA PRO A 68 -1.28 -3.57 -13.32
C PRO A 68 -2.55 -3.38 -12.47
N PRO A 69 -2.64 -4.17 -11.42
CA PRO A 69 -3.81 -4.08 -10.51
C PRO A 69 -3.76 -2.77 -9.71
N LEU A 70 -4.90 -2.17 -9.48
CA LEU A 70 -4.91 -0.89 -8.71
C LEU A 70 -5.27 -1.15 -7.25
N TRP A 71 -4.97 -0.22 -6.38
CA TRP A 71 -5.29 -0.42 -4.94
C TRP A 71 -6.07 0.78 -4.40
N LYS A 72 -7.08 0.53 -3.61
CA LYS A 72 -7.88 1.65 -3.04
C LYS A 72 -8.38 1.28 -1.65
N ILE A 73 -8.46 2.23 -0.74
CA ILE A 73 -8.93 1.91 0.63
C ILE A 73 -10.24 1.13 0.59
N ALA A 74 -10.35 0.09 1.38
CA ALA A 74 -11.60 -0.72 1.37
C ALA A 74 -12.59 -0.14 2.39
N VAL A 75 -12.80 1.14 2.37
CA VAL A 75 -13.76 1.76 3.33
C VAL A 75 -14.80 2.58 2.57
N SER A 76 -15.63 1.94 1.79
CA SER A 76 -16.68 2.69 1.03
C SER A 76 -18.03 2.57 1.73
N ASP A 77 -18.71 3.66 1.92
CA ASP A 77 -20.03 3.61 2.59
C ASP A 77 -21.07 2.95 1.67
N LEU A 2 15.96 -16.21 7.60
CA LEU A 2 15.63 -16.05 9.03
C LEU A 2 16.11 -14.69 9.55
N SER A 3 17.35 -14.37 9.30
CA SER A 3 17.88 -13.05 9.78
C SER A 3 17.03 -11.91 9.22
N SER A 4 16.51 -12.08 8.03
CA SER A 4 15.68 -10.99 7.43
C SER A 4 14.31 -10.93 8.14
N HIS A 5 13.95 -11.97 8.84
CA HIS A 5 12.63 -11.96 9.55
C HIS A 5 12.63 -10.93 10.68
N PHE A 6 13.70 -10.83 11.42
CA PHE A 6 13.73 -9.83 12.54
C PHE A 6 14.10 -8.44 12.01
N GLN A 7 14.89 -8.38 10.97
CA GLN A 7 15.26 -7.05 10.42
C GLN A 7 14.01 -6.35 9.87
N GLU A 8 12.95 -7.06 9.69
CA GLU A 8 11.70 -6.42 9.16
C GLU A 8 10.65 -6.33 10.27
N LEU A 9 9.39 -6.44 9.92
CA LEU A 9 8.30 -6.35 10.94
C LEU A 9 8.32 -4.98 11.63
N SER A 10 7.17 -4.37 11.78
CA SER A 10 7.08 -3.01 12.43
C SER A 10 7.66 -1.95 11.49
N ILE A 11 8.87 -2.13 11.09
CA ILE A 11 9.51 -1.15 10.15
C ILE A 11 8.57 -0.84 8.97
N TYR A 12 7.80 -1.79 8.52
CA TYR A 12 6.87 -1.52 7.39
C TYR A 12 5.64 -0.76 7.89
N GLN A 13 5.42 -0.73 9.19
CA GLN A 13 4.25 0.01 9.72
C GLN A 13 4.33 1.46 9.25
N ASP A 14 5.52 2.01 9.24
CA ASP A 14 5.68 3.41 8.79
C ASP A 14 5.43 3.48 7.27
N GLN A 15 5.77 2.42 6.58
CA GLN A 15 5.56 2.40 5.10
C GLN A 15 4.06 2.31 4.79
N GLU A 16 3.33 1.52 5.54
CA GLU A 16 1.88 1.40 5.28
C GLU A 16 1.21 2.78 5.41
N GLN A 17 1.57 3.52 6.42
CA GLN A 17 0.97 4.87 6.59
C GLN A 17 1.17 5.69 5.31
N ARG A 18 2.35 5.64 4.75
CA ARG A 18 2.61 6.40 3.50
C ARG A 18 1.56 6.04 2.44
N ILE A 19 1.39 4.78 2.18
CA ILE A 19 0.39 4.34 1.16
C ILE A 19 -1.03 4.50 1.72
N LEU A 20 -1.23 4.17 2.97
CA LEU A 20 -2.59 4.29 3.58
C LEU A 20 -3.08 5.74 3.50
N LYS A 21 -2.30 6.68 3.96
CA LYS A 21 -2.74 8.10 3.91
C LYS A 21 -2.96 8.55 2.46
N PHE A 22 -2.13 8.10 1.56
CA PHE A 22 -2.30 8.51 0.13
C PHE A 22 -3.63 7.97 -0.41
N LEU A 23 -3.80 6.68 -0.46
CA LEU A 23 -5.09 6.11 -0.99
C LEU A 23 -6.27 6.80 -0.30
N GLU A 24 -6.07 7.30 0.88
CA GLU A 24 -7.17 8.00 1.60
C GLU A 24 -7.36 9.41 0.99
N GLU A 25 -6.32 9.98 0.44
CA GLU A 25 -6.46 11.34 -0.15
C GLU A 25 -7.14 11.25 -1.54
N LEU A 26 -7.03 10.12 -2.18
CA LEU A 26 -7.67 9.96 -3.52
C LEU A 26 -9.20 9.99 -3.39
N GLY A 27 -9.76 9.01 -2.73
CA GLY A 27 -11.24 8.98 -2.58
C GLY A 27 -11.78 7.65 -3.08
N GLU A 28 -12.71 7.07 -2.37
CA GLU A 28 -13.27 5.76 -2.80
C GLU A 28 -13.84 5.88 -4.22
N GLY A 29 -13.04 5.59 -5.22
CA GLY A 29 -13.53 5.69 -6.62
C GLY A 29 -12.37 5.43 -7.58
N LYS A 30 -11.35 6.24 -7.53
CA LYS A 30 -10.19 6.02 -8.44
C LYS A 30 -9.05 5.33 -7.71
N ALA A 31 -8.83 4.07 -7.99
CA ALA A 31 -7.74 3.33 -7.30
C ALA A 31 -6.40 3.62 -7.99
N THR A 32 -5.31 3.22 -7.39
CA THR A 32 -3.98 3.48 -8.00
C THR A 32 -3.13 2.20 -8.01
N THR A 33 -2.15 2.13 -8.88
CA THR A 33 -1.30 0.91 -8.95
C THR A 33 -0.03 1.11 -8.11
N ALA A 34 0.58 0.05 -7.65
CA ALA A 34 1.82 0.20 -6.84
C ALA A 34 2.81 1.11 -7.57
N HIS A 35 2.78 1.11 -8.86
CA HIS A 35 3.70 2.00 -9.63
C HIS A 35 3.47 3.45 -9.19
N ASP A 36 2.22 3.86 -9.14
CA ASP A 36 1.93 5.25 -8.70
C ASP A 36 2.23 5.40 -7.21
N LEU A 37 2.05 4.36 -6.44
CA LEU A 37 2.34 4.43 -4.98
C LEU A 37 3.79 4.85 -4.77
N SER A 38 4.72 4.21 -5.45
CA SER A 38 6.15 4.56 -5.29
C SER A 38 6.41 5.98 -5.82
N GLY A 39 5.60 6.44 -6.73
CA GLY A 39 5.81 7.81 -7.28
C GLY A 39 5.14 8.83 -6.36
N LYS A 40 3.86 8.71 -6.15
CA LYS A 40 3.15 9.66 -5.26
C LYS A 40 3.84 9.76 -3.91
N LEU A 41 4.53 8.72 -3.51
CA LEU A 41 5.22 8.73 -2.20
C LEU A 41 6.74 8.79 -2.37
N GLY A 42 7.26 8.16 -3.40
CA GLY A 42 8.73 8.18 -3.61
C GLY A 42 9.32 6.82 -3.19
N THR A 43 8.63 6.10 -2.35
CA THR A 43 9.13 4.77 -1.90
C THR A 43 9.31 3.84 -3.11
N PRO A 44 10.30 2.99 -3.04
CA PRO A 44 10.55 2.04 -4.15
C PRO A 44 9.42 0.99 -4.23
N LYS A 45 9.07 0.59 -5.42
CA LYS A 45 7.97 -0.41 -5.58
C LYS A 45 8.18 -1.60 -4.65
N LYS A 46 9.38 -2.13 -4.58
CA LYS A 46 9.62 -3.31 -3.69
C LYS A 46 9.05 -3.07 -2.30
N GLU A 47 9.08 -1.85 -1.83
CA GLU A 47 8.51 -1.56 -0.48
C GLU A 47 7.01 -1.30 -0.61
N ILE A 48 6.60 -0.80 -1.74
CA ILE A 48 5.15 -0.52 -1.96
C ILE A 48 4.38 -1.83 -2.04
N ASN A 49 4.93 -2.82 -2.69
CA ASN A 49 4.23 -4.13 -2.82
C ASN A 49 4.14 -4.82 -1.45
N ARG A 50 5.24 -4.99 -0.77
CA ARG A 50 5.16 -5.66 0.56
C ARG A 50 4.19 -4.89 1.46
N VAL A 51 4.03 -3.62 1.21
CA VAL A 51 3.07 -2.81 2.01
C VAL A 51 1.69 -2.95 1.41
N LEU A 52 1.56 -2.78 0.12
CA LEU A 52 0.24 -2.91 -0.55
C LEU A 52 -0.38 -4.26 -0.17
N TYR A 53 0.40 -5.31 -0.23
CA TYR A 53 -0.14 -6.65 0.14
C TYR A 53 -0.45 -6.68 1.64
N SER A 54 0.43 -6.14 2.45
CA SER A 54 0.17 -6.12 3.91
C SER A 54 -1.15 -5.42 4.19
N LEU A 55 -1.42 -4.35 3.49
CA LEU A 55 -2.71 -3.62 3.70
C LEU A 55 -3.86 -4.45 3.12
N ALA A 56 -3.61 -5.12 2.02
CA ALA A 56 -4.68 -5.95 1.40
C ALA A 56 -4.90 -7.22 2.22
N LYS A 57 -3.86 -7.71 2.86
CA LYS A 57 -4.01 -8.95 3.68
C LYS A 57 -4.69 -8.64 5.01
N LYS A 58 -4.45 -7.48 5.56
CA LYS A 58 -5.08 -7.12 6.86
C LYS A 58 -6.56 -6.78 6.67
N GLY A 59 -7.04 -6.76 5.45
CA GLY A 59 -8.47 -6.45 5.22
C GLY A 59 -8.68 -4.93 5.30
N LYS A 60 -7.69 -4.16 4.96
CA LYS A 60 -7.84 -2.68 5.03
C LYS A 60 -7.78 -2.08 3.62
N LEU A 61 -7.11 -2.73 2.70
CA LEU A 61 -7.03 -2.18 1.32
C LEU A 61 -7.94 -2.97 0.38
N GLN A 62 -8.18 -2.45 -0.79
CA GLN A 62 -9.05 -3.16 -1.77
C GLN A 62 -8.34 -3.25 -3.12
N LYS A 63 -7.68 -4.34 -3.37
CA LYS A 63 -6.96 -4.48 -4.68
C LYS A 63 -7.95 -4.75 -5.81
N GLU A 64 -7.64 -4.29 -6.99
CA GLU A 64 -8.56 -4.52 -8.14
C GLU A 64 -7.87 -5.38 -9.20
N ALA A 65 -8.39 -6.55 -9.46
CA ALA A 65 -7.76 -7.45 -10.48
C ALA A 65 -7.51 -6.68 -11.77
N GLY A 66 -6.27 -6.58 -12.17
CA GLY A 66 -5.95 -5.85 -13.43
C GLY A 66 -4.43 -5.83 -13.64
N THR A 67 -3.98 -5.51 -14.82
CA THR A 67 -2.51 -5.47 -15.08
C THR A 67 -2.08 -4.05 -15.49
N PRO A 68 -1.52 -3.30 -14.56
CA PRO A 68 -1.30 -3.76 -13.16
C PRO A 68 -2.58 -3.62 -12.33
N PRO A 69 -2.63 -4.35 -11.24
CA PRO A 69 -3.81 -4.30 -10.35
C PRO A 69 -3.90 -2.95 -9.64
N LEU A 70 -5.08 -2.43 -9.47
CA LEU A 70 -5.23 -1.10 -8.81
C LEU A 70 -5.54 -1.29 -7.32
N TRP A 71 -5.14 -0.35 -6.49
CA TRP A 71 -5.41 -0.48 -5.03
C TRP A 71 -6.23 0.71 -4.53
N LYS A 72 -7.12 0.47 -3.61
CA LYS A 72 -7.95 1.59 -3.06
C LYS A 72 -8.41 1.24 -1.65
N ILE A 73 -8.37 2.18 -0.74
CA ILE A 73 -8.82 1.91 0.66
C ILE A 73 -10.20 1.24 0.65
N ALA A 74 -10.38 0.24 1.45
CA ALA A 74 -11.70 -0.46 1.49
C ALA A 74 -12.70 0.36 2.31
N VAL A 75 -13.72 0.88 1.68
CA VAL A 75 -14.72 1.69 2.43
C VAL A 75 -15.84 0.80 2.94
N SER A 76 -15.51 -0.19 3.73
CA SER A 76 -16.57 -1.10 4.28
C SER A 76 -16.69 -0.91 5.79
N ASP A 77 -17.58 -0.05 6.22
CA ASP A 77 -17.76 0.17 7.68
C ASP A 77 -16.41 0.51 8.33
N LEU A 2 19.22 -14.36 10.17
CA LEU A 2 18.99 -13.09 9.43
C LEU A 2 18.82 -11.95 10.43
N SER A 3 19.68 -10.98 10.34
CA SER A 3 19.60 -9.83 11.30
C SER A 3 18.46 -8.88 10.88
N SER A 4 18.50 -8.40 9.67
CA SER A 4 17.41 -7.50 9.20
C SER A 4 16.07 -8.19 9.39
N HIS A 5 16.01 -9.44 9.03
CA HIS A 5 14.76 -10.25 9.16
C HIS A 5 14.11 -10.01 10.53
N PHE A 6 14.87 -10.11 11.59
CA PHE A 6 14.28 -9.87 12.94
C PHE A 6 14.12 -8.37 13.19
N GLN A 7 14.78 -7.56 12.41
CA GLN A 7 14.69 -6.08 12.60
C GLN A 7 13.78 -5.45 11.54
N GLU A 8 13.01 -6.24 10.84
CA GLU A 8 12.11 -5.67 9.81
C GLU A 8 10.65 -5.74 10.28
N LEU A 9 10.30 -5.00 11.30
CA LEU A 9 8.90 -5.04 11.79
C LEU A 9 8.26 -3.65 11.68
N SER A 10 8.51 -2.79 12.64
CA SER A 10 7.92 -1.43 12.58
C SER A 10 8.51 -0.64 11.40
N ILE A 11 9.55 -1.13 10.79
CA ILE A 11 10.17 -0.39 9.65
C ILE A 11 9.18 -0.26 8.49
N TYR A 12 8.36 -1.25 8.24
CA TYR A 12 7.38 -1.11 7.12
C TYR A 12 6.12 -0.40 7.62
N GLN A 13 5.93 -0.31 8.91
CA GLN A 13 4.74 0.40 9.43
C GLN A 13 4.76 1.84 8.91
N ASP A 14 5.91 2.46 8.94
CA ASP A 14 6.00 3.85 8.42
C ASP A 14 5.63 3.83 6.94
N GLN A 15 6.05 2.80 6.25
CA GLN A 15 5.71 2.68 4.80
C GLN A 15 4.20 2.46 4.65
N GLU A 16 3.63 1.64 5.49
CA GLU A 16 2.17 1.38 5.42
C GLU A 16 1.41 2.69 5.59
N GLN A 17 1.69 3.42 6.64
CA GLN A 17 0.98 4.72 6.85
C GLN A 17 1.14 5.60 5.61
N ARG A 18 2.29 5.55 4.98
CA ARG A 18 2.50 6.37 3.77
C ARG A 18 1.50 5.98 2.68
N ILE A 19 1.39 4.71 2.41
CA ILE A 19 0.43 4.25 1.36
C ILE A 19 -1.01 4.37 1.90
N LEU A 20 -1.24 3.93 3.11
CA LEU A 20 -2.62 4.01 3.68
C LEU A 20 -3.16 5.44 3.56
N LYS A 21 -2.44 6.41 4.05
CA LYS A 21 -2.93 7.81 3.96
C LYS A 21 -3.17 8.19 2.50
N PHE A 22 -2.21 7.98 1.64
CA PHE A 22 -2.40 8.32 0.21
C PHE A 22 -3.65 7.62 -0.34
N LEU A 23 -3.72 6.32 -0.19
CA LEU A 23 -4.92 5.59 -0.69
C LEU A 23 -6.20 6.26 -0.17
N GLU A 24 -6.12 6.88 0.97
CA GLU A 24 -7.33 7.56 1.54
C GLU A 24 -7.55 8.90 0.83
N GLU A 25 -6.50 9.58 0.46
CA GLU A 25 -6.67 10.90 -0.22
C GLU A 25 -7.26 10.72 -1.63
N LEU A 26 -7.10 9.56 -2.20
CA LEU A 26 -7.64 9.32 -3.56
C LEU A 26 -9.18 9.30 -3.53
N GLY A 27 -9.76 8.32 -2.88
CA GLY A 27 -11.24 8.27 -2.81
C GLY A 27 -11.73 7.03 -3.58
N GLU A 28 -12.68 6.32 -3.02
CA GLU A 28 -13.20 5.10 -3.72
C GLU A 28 -13.59 5.44 -5.16
N GLY A 29 -12.83 4.98 -6.12
CA GLY A 29 -13.16 5.27 -7.54
C GLY A 29 -11.98 4.87 -8.43
N LYS A 30 -10.99 5.72 -8.54
CA LYS A 30 -9.81 5.37 -9.40
C LYS A 30 -8.65 4.89 -8.53
N ALA A 31 -8.66 3.64 -8.15
CA ALA A 31 -7.55 3.11 -7.29
C ALA A 31 -6.20 3.38 -7.96
N THR A 32 -5.13 3.27 -7.21
CA THR A 32 -3.78 3.52 -7.81
C THR A 32 -2.96 2.23 -7.82
N THR A 33 -2.12 2.06 -8.80
CA THR A 33 -1.29 0.83 -8.88
C THR A 33 -0.03 0.99 -8.04
N ALA A 34 0.54 -0.10 -7.56
CA ALA A 34 1.79 0.00 -6.75
C ALA A 34 2.81 0.87 -7.47
N HIS A 35 2.83 0.81 -8.77
CA HIS A 35 3.79 1.66 -9.54
C HIS A 35 3.51 3.13 -9.19
N ASP A 36 2.26 3.49 -9.15
CA ASP A 36 1.89 4.89 -8.78
C ASP A 36 2.19 5.13 -7.31
N LEU A 37 1.97 4.14 -6.48
CA LEU A 37 2.25 4.29 -5.03
C LEU A 37 3.68 4.78 -4.81
N SER A 38 4.62 4.17 -5.47
CA SER A 38 6.05 4.58 -5.32
C SER A 38 6.25 6.01 -5.84
N GLY A 39 5.40 6.47 -6.72
CA GLY A 39 5.54 7.85 -7.25
C GLY A 39 4.88 8.84 -6.28
N LYS A 40 3.63 8.67 -6.01
CA LYS A 40 2.92 9.60 -5.08
C LYS A 40 3.65 9.66 -3.74
N LEU A 41 4.35 8.62 -3.39
CA LEU A 41 5.06 8.61 -2.08
C LEU A 41 6.57 8.68 -2.28
N GLY A 42 7.07 7.98 -3.26
CA GLY A 42 8.55 8.00 -3.51
C GLY A 42 9.15 6.65 -3.11
N THR A 43 8.46 5.91 -2.28
CA THR A 43 8.99 4.58 -1.84
C THR A 43 9.17 3.66 -3.06
N PRO A 44 10.18 2.84 -3.01
CA PRO A 44 10.45 1.91 -4.13
C PRO A 44 9.35 0.84 -4.22
N LYS A 45 9.01 0.42 -5.41
CA LYS A 45 7.94 -0.60 -5.58
C LYS A 45 8.14 -1.77 -4.61
N LYS A 46 9.34 -2.27 -4.51
CA LYS A 46 9.60 -3.41 -3.58
C LYS A 46 8.99 -3.13 -2.20
N GLU A 47 9.04 -1.90 -1.78
CA GLU A 47 8.45 -1.54 -0.45
C GLU A 47 6.94 -1.33 -0.62
N ILE A 48 6.54 -0.85 -1.77
CA ILE A 48 5.10 -0.61 -2.02
C ILE A 48 4.36 -1.94 -2.08
N ASN A 49 4.94 -2.93 -2.69
CA ASN A 49 4.27 -4.25 -2.79
C ASN A 49 4.19 -4.92 -1.42
N ARG A 50 5.31 -5.10 -0.75
CA ARG A 50 5.25 -5.75 0.59
C ARG A 50 4.30 -4.96 1.50
N VAL A 51 4.13 -3.70 1.22
CA VAL A 51 3.19 -2.87 2.04
C VAL A 51 1.78 -3.01 1.46
N LEU A 52 1.64 -2.87 0.17
CA LEU A 52 0.30 -3.00 -0.46
C LEU A 52 -0.36 -4.30 -0.01
N TYR A 53 0.39 -5.37 0.06
CA TYR A 53 -0.20 -6.66 0.51
C TYR A 53 -0.52 -6.57 2.01
N SER A 54 0.38 -6.04 2.78
CA SER A 54 0.12 -5.91 4.25
C SER A 54 -1.21 -5.18 4.47
N LEU A 55 -1.50 -4.22 3.63
CA LEU A 55 -2.79 -3.48 3.76
C LEU A 55 -3.92 -4.34 3.21
N ALA A 56 -3.72 -4.89 2.04
CA ALA A 56 -4.77 -5.76 1.44
C ALA A 56 -4.99 -6.99 2.32
N LYS A 57 -4.00 -7.36 3.09
CA LYS A 57 -4.14 -8.56 3.97
C LYS A 57 -4.86 -8.21 5.28
N LYS A 58 -4.63 -7.04 5.82
CA LYS A 58 -5.30 -6.67 7.10
C LYS A 58 -6.78 -6.36 6.85
N GLY A 59 -7.22 -6.37 5.62
CA GLY A 59 -8.67 -6.09 5.34
C GLY A 59 -8.90 -4.58 5.30
N LYS A 60 -7.90 -3.81 4.98
CA LYS A 60 -8.09 -2.33 4.93
C LYS A 60 -7.94 -1.82 3.50
N LEU A 61 -7.25 -2.55 2.66
CA LEU A 61 -7.08 -2.09 1.24
C LEU A 61 -7.99 -2.91 0.32
N GLN A 62 -8.17 -2.44 -0.89
CA GLN A 62 -9.03 -3.17 -1.86
C GLN A 62 -8.34 -3.21 -3.23
N LYS A 63 -7.61 -4.26 -3.50
CA LYS A 63 -6.91 -4.35 -4.81
C LYS A 63 -7.93 -4.44 -5.96
N GLU A 64 -7.59 -3.91 -7.10
CA GLU A 64 -8.53 -3.97 -8.26
C GLU A 64 -7.91 -4.80 -9.39
N ALA A 65 -8.52 -5.90 -9.72
CA ALA A 65 -7.97 -6.77 -10.82
C ALA A 65 -7.66 -5.92 -12.06
N GLY A 66 -6.53 -6.17 -12.67
CA GLY A 66 -6.16 -5.39 -13.89
C GLY A 66 -4.66 -5.54 -14.14
N THR A 67 -4.13 -4.80 -15.08
CA THR A 67 -2.68 -4.90 -15.37
C THR A 67 -2.10 -3.50 -15.69
N PRO A 68 -1.45 -2.88 -14.71
CA PRO A 68 -1.26 -3.48 -13.35
C PRO A 68 -2.52 -3.29 -12.50
N PRO A 69 -2.64 -4.09 -11.47
CA PRO A 69 -3.80 -4.00 -10.57
C PRO A 69 -3.74 -2.71 -9.74
N LEU A 70 -4.86 -2.09 -9.49
CA LEU A 70 -4.86 -0.83 -8.70
C LEU A 70 -5.21 -1.12 -7.24
N TRP A 71 -4.97 -0.19 -6.37
CA TRP A 71 -5.28 -0.42 -4.93
C TRP A 71 -6.08 0.77 -4.35
N LYS A 72 -7.10 0.48 -3.59
CA LYS A 72 -7.90 1.58 -2.99
C LYS A 72 -8.37 1.17 -1.59
N ILE A 73 -8.48 2.12 -0.69
CA ILE A 73 -8.91 1.79 0.70
C ILE A 73 -10.21 0.97 0.68
N ALA A 74 -10.29 -0.04 1.50
CA ALA A 74 -11.51 -0.87 1.55
C ALA A 74 -12.36 -0.52 2.78
N VAL A 75 -13.62 -0.26 2.59
CA VAL A 75 -14.48 0.10 3.75
C VAL A 75 -15.79 -0.69 3.70
N SER A 76 -16.09 -1.40 4.74
CA SER A 76 -17.36 -2.20 4.76
C SER A 76 -18.25 -1.74 5.90
N ASP A 77 -18.88 -0.60 5.76
CA ASP A 77 -19.77 -0.09 6.83
C ASP A 77 -21.04 0.53 6.23
N LEU A 2 20.45 -12.35 13.48
CA LEU A 2 19.41 -13.41 13.49
C LEU A 2 18.11 -12.90 14.11
N SER A 3 18.22 -12.17 15.20
CA SER A 3 16.99 -11.64 15.86
C SER A 3 16.40 -10.50 15.03
N SER A 4 17.23 -9.80 14.29
CA SER A 4 16.70 -8.69 13.46
C SER A 4 15.83 -9.24 12.33
N HIS A 5 15.96 -10.49 12.02
CA HIS A 5 15.15 -11.09 10.92
C HIS A 5 13.66 -11.09 11.29
N PHE A 6 13.33 -11.42 12.52
CA PHE A 6 11.90 -11.45 12.91
C PHE A 6 11.42 -10.06 13.37
N GLN A 7 12.32 -9.12 13.51
CA GLN A 7 11.92 -7.76 13.94
C GLN A 7 11.44 -6.94 12.73
N GLU A 8 11.25 -7.57 11.60
CA GLU A 8 10.78 -6.82 10.40
C GLU A 8 9.25 -6.68 10.41
N LEU A 9 8.69 -6.24 11.51
CA LEU A 9 7.21 -6.08 11.57
C LEU A 9 6.84 -4.59 11.54
N SER A 10 6.95 -3.90 12.64
CA SER A 10 6.60 -2.46 12.66
C SER A 10 7.39 -1.72 11.56
N ILE A 11 8.49 -2.28 11.13
CA ILE A 11 9.31 -1.63 10.06
C ILE A 11 8.45 -1.26 8.85
N TYR A 12 7.60 -2.14 8.39
CA TYR A 12 6.75 -1.78 7.22
C TYR A 12 5.54 -0.96 7.69
N GLN A 13 5.26 -0.97 8.97
CA GLN A 13 4.12 -0.17 9.47
C GLN A 13 4.32 1.29 9.08
N ASP A 14 5.54 1.77 9.17
CA ASP A 14 5.79 3.17 8.76
C ASP A 14 5.57 3.30 7.26
N GLN A 15 5.87 2.24 6.54
CA GLN A 15 5.65 2.26 5.06
C GLN A 15 4.15 2.22 4.75
N GLU A 16 3.40 1.43 5.47
CA GLU A 16 1.93 1.36 5.20
C GLU A 16 1.30 2.73 5.38
N GLN A 17 1.64 3.42 6.44
CA GLN A 17 1.06 4.77 6.67
C GLN A 17 1.26 5.65 5.42
N ARG A 18 2.40 5.54 4.80
CA ARG A 18 2.65 6.36 3.57
C ARG A 18 1.60 6.03 2.51
N ILE A 19 1.41 4.78 2.22
CA ILE A 19 0.40 4.38 1.19
C ILE A 19 -1.02 4.49 1.77
N LEU A 20 -1.21 3.99 2.96
CA LEU A 20 -2.57 4.04 3.59
C LEU A 20 -3.13 5.47 3.53
N LYS A 21 -2.37 6.46 3.93
CA LYS A 21 -2.89 7.85 3.91
C LYS A 21 -3.12 8.32 2.47
N PHE A 22 -2.16 8.12 1.60
CA PHE A 22 -2.34 8.56 0.19
C PHE A 22 -3.63 7.97 -0.39
N LEU A 23 -3.77 6.67 -0.39
CA LEU A 23 -5.03 6.07 -0.94
C LEU A 23 -6.25 6.75 -0.30
N GLU A 24 -6.08 7.25 0.89
CA GLU A 24 -7.21 7.93 1.58
C GLU A 24 -7.42 9.34 0.98
N GLU A 25 -6.38 9.92 0.44
CA GLU A 25 -6.53 11.29 -0.15
C GLU A 25 -7.11 11.20 -1.57
N LEU A 26 -7.03 10.05 -2.19
CA LEU A 26 -7.57 9.90 -3.56
C LEU A 26 -9.10 9.89 -3.53
N GLY A 27 -9.71 11.04 -3.47
CA GLY A 27 -11.19 11.11 -3.43
C GLY A 27 -11.78 10.29 -4.58
N GLU A 28 -11.03 10.12 -5.64
CA GLU A 28 -11.55 9.33 -6.79
C GLU A 28 -11.49 7.84 -6.49
N GLY A 29 -12.61 7.17 -6.52
CA GLY A 29 -12.63 5.70 -6.22
C GLY A 29 -11.62 4.99 -7.13
N LYS A 30 -11.29 5.58 -8.25
CA LYS A 30 -10.32 4.93 -9.17
C LYS A 30 -9.07 4.46 -8.41
N ALA A 31 -9.02 3.21 -8.03
CA ALA A 31 -7.83 2.70 -7.29
C ALA A 31 -6.54 3.06 -8.02
N THR A 32 -5.43 3.04 -7.34
CA THR A 32 -4.15 3.39 -8.00
C THR A 32 -3.20 2.18 -8.00
N THR A 33 -2.29 2.13 -8.93
CA THR A 33 -1.34 0.96 -8.99
C THR A 33 -0.09 1.25 -8.15
N ALA A 34 0.54 0.23 -7.64
CA ALA A 34 1.77 0.44 -6.81
C ALA A 34 2.73 1.39 -7.52
N HIS A 35 2.80 1.33 -8.82
CA HIS A 35 3.70 2.26 -9.57
C HIS A 35 3.38 3.70 -9.11
N ASP A 36 2.13 4.01 -8.97
CA ASP A 36 1.75 5.38 -8.50
C ASP A 36 2.13 5.51 -7.04
N LEU A 37 1.89 4.48 -6.25
CA LEU A 37 2.26 4.54 -4.81
C LEU A 37 3.75 4.87 -4.69
N SER A 38 4.56 4.22 -5.48
CA SER A 38 6.02 4.47 -5.44
C SER A 38 6.33 5.89 -5.90
N GLY A 39 5.53 6.42 -6.78
CA GLY A 39 5.78 7.80 -7.28
C GLY A 39 5.13 8.81 -6.32
N LYS A 40 3.84 8.71 -6.12
CA LYS A 40 3.14 9.65 -5.20
C LYS A 40 3.86 9.74 -3.86
N LEU A 41 4.54 8.68 -3.48
CA LEU A 41 5.25 8.69 -2.17
C LEU A 41 6.76 8.73 -2.37
N GLY A 42 7.25 8.07 -3.38
CA GLY A 42 8.73 8.05 -3.62
C GLY A 42 9.30 6.71 -3.19
N THR A 43 8.59 5.99 -2.35
CA THR A 43 9.10 4.66 -1.90
C THR A 43 9.29 3.73 -3.11
N PRO A 44 10.29 2.89 -3.03
CA PRO A 44 10.57 1.94 -4.14
C PRO A 44 9.44 0.90 -4.24
N LYS A 45 9.10 0.51 -5.43
CA LYS A 45 7.99 -0.49 -5.61
C LYS A 45 8.18 -1.68 -4.68
N LYS A 46 9.38 -2.20 -4.57
CA LYS A 46 9.61 -3.37 -3.66
C LYS A 46 9.01 -3.08 -2.28
N GLU A 47 9.02 -1.84 -1.88
CA GLU A 47 8.43 -1.48 -0.55
C GLU A 47 6.93 -1.24 -0.73
N ILE A 48 6.55 -0.73 -1.86
CA ILE A 48 5.12 -0.46 -2.12
C ILE A 48 4.35 -1.79 -2.20
N ASN A 49 4.94 -2.79 -2.80
CA ASN A 49 4.25 -4.09 -2.91
C ASN A 49 4.16 -4.78 -1.55
N ARG A 50 5.27 -4.98 -0.87
CA ARG A 50 5.20 -5.65 0.46
C ARG A 50 4.26 -4.86 1.36
N VAL A 51 4.10 -3.59 1.09
CA VAL A 51 3.16 -2.76 1.91
C VAL A 51 1.75 -2.90 1.32
N LEU A 52 1.62 -2.74 0.02
CA LEU A 52 0.28 -2.88 -0.62
C LEU A 52 -0.36 -4.22 -0.20
N TYR A 53 0.41 -5.28 -0.23
CA TYR A 53 -0.13 -6.60 0.17
C TYR A 53 -0.42 -6.59 1.67
N SER A 54 0.51 -6.10 2.44
CA SER A 54 0.31 -6.04 3.91
C SER A 54 -1.00 -5.29 4.22
N LEU A 55 -1.25 -4.23 3.52
CA LEU A 55 -2.51 -3.47 3.75
C LEU A 55 -3.70 -4.29 3.27
N ALA A 56 -3.52 -5.04 2.22
CA ALA A 56 -4.63 -5.87 1.69
C ALA A 56 -4.82 -7.11 2.57
N LYS A 57 -3.83 -7.46 3.35
CA LYS A 57 -3.95 -8.66 4.23
C LYS A 57 -4.72 -8.34 5.51
N LYS A 58 -4.62 -7.13 6.00
CA LYS A 58 -5.36 -6.78 7.26
C LYS A 58 -6.85 -6.63 6.98
N GLY A 59 -7.21 -6.38 5.75
CA GLY A 59 -8.65 -6.21 5.41
C GLY A 59 -8.98 -4.71 5.30
N LYS A 60 -7.99 -3.90 5.05
CA LYS A 60 -8.25 -2.44 4.94
C LYS A 60 -8.11 -1.98 3.49
N LEU A 61 -7.16 -2.51 2.77
CA LEU A 61 -6.98 -2.09 1.35
C LEU A 61 -7.88 -2.92 0.44
N GLN A 62 -8.07 -2.48 -0.76
CA GLN A 62 -8.93 -3.22 -1.73
C GLN A 62 -8.23 -3.29 -3.09
N LYS A 63 -7.52 -4.35 -3.34
CA LYS A 63 -6.81 -4.48 -4.65
C LYS A 63 -7.81 -4.73 -5.78
N GLU A 64 -7.53 -4.23 -6.95
CA GLU A 64 -8.46 -4.44 -8.10
C GLU A 64 -7.76 -5.26 -9.19
N ALA A 65 -8.29 -6.40 -9.52
CA ALA A 65 -7.66 -7.25 -10.57
C ALA A 65 -7.39 -6.42 -11.83
N GLY A 66 -6.23 -6.57 -12.41
CA GLY A 66 -5.90 -5.79 -13.63
C GLY A 66 -4.39 -5.83 -13.87
N THR A 67 -3.94 -5.20 -14.93
CA THR A 67 -2.47 -5.22 -15.22
C THR A 67 -2.00 -3.80 -15.62
N PRO A 68 -1.42 -3.05 -14.69
CA PRO A 68 -1.22 -3.54 -13.30
C PRO A 68 -2.49 -3.38 -12.46
N PRO A 69 -2.57 -4.13 -11.39
CA PRO A 69 -3.75 -4.06 -10.50
C PRO A 69 -3.78 -2.74 -9.75
N LEU A 70 -4.96 -2.26 -9.41
CA LEU A 70 -5.05 -0.97 -8.68
C LEU A 70 -5.41 -1.21 -7.21
N TRP A 71 -5.06 -0.29 -6.36
CA TRP A 71 -5.38 -0.46 -4.91
C TRP A 71 -6.17 0.75 -4.39
N LYS A 72 -7.13 0.52 -3.54
CA LYS A 72 -7.93 1.65 -2.99
C LYS A 72 -8.39 1.32 -1.56
N ILE A 73 -8.32 2.26 -0.67
CA ILE A 73 -8.75 2.00 0.74
C ILE A 73 -10.14 1.35 0.75
N ALA A 74 -10.29 0.27 1.47
CA ALA A 74 -11.61 -0.41 1.52
C ALA A 74 -12.59 0.40 2.37
N VAL A 75 -12.36 0.51 3.64
CA VAL A 75 -13.29 1.29 4.52
C VAL A 75 -13.11 2.79 4.27
N SER A 76 -13.50 3.26 3.11
CA SER A 76 -13.35 4.71 2.81
C SER A 76 -14.64 5.46 3.15
N ASP A 77 -14.53 6.54 3.88
CA ASP A 77 -15.75 7.32 4.25
C ASP A 77 -15.36 8.68 4.82
N LEU A 2 15.47 -13.33 19.12
CA LEU A 2 14.37 -12.33 19.04
C LEU A 2 14.95 -10.91 19.03
N SER A 3 16.19 -10.77 18.68
CA SER A 3 16.81 -9.41 18.63
C SER A 3 16.83 -8.88 17.19
N SER A 4 16.69 -9.75 16.23
CA SER A 4 16.70 -9.29 14.81
C SER A 4 15.27 -9.23 14.27
N HIS A 5 14.35 -9.93 14.91
CA HIS A 5 12.94 -9.93 14.42
C HIS A 5 12.25 -8.60 14.76
N PHE A 6 12.26 -8.22 16.01
CA PHE A 6 11.60 -6.94 16.40
C PHE A 6 12.12 -5.78 15.54
N GLN A 7 13.35 -5.85 15.12
CA GLN A 7 13.90 -4.76 14.27
C GLN A 7 13.14 -4.70 12.95
N GLU A 8 12.39 -5.72 12.63
CA GLU A 8 11.62 -5.71 11.35
C GLU A 8 10.12 -5.53 11.64
N LEU A 9 9.28 -6.08 10.81
CA LEU A 9 7.80 -5.95 11.02
C LEU A 9 7.40 -4.48 11.08
N SER A 10 7.52 -3.86 12.22
CA SER A 10 7.14 -2.41 12.33
C SER A 10 7.84 -1.60 11.23
N ILE A 11 8.95 -2.11 10.73
CA ILE A 11 9.69 -1.39 9.66
C ILE A 11 8.77 -0.91 8.53
N TYR A 12 8.13 -1.80 7.81
CA TYR A 12 7.24 -1.33 6.72
C TYR A 12 5.99 -0.68 7.30
N GLN A 13 5.77 -0.81 8.58
CA GLN A 13 4.58 -0.16 9.19
C GLN A 13 4.67 1.34 8.91
N ASP A 14 5.85 1.88 8.98
CA ASP A 14 6.02 3.33 8.67
C ASP A 14 5.64 3.52 7.20
N GLN A 15 6.02 2.58 6.37
CA GLN A 15 5.68 2.66 4.92
C GLN A 15 4.18 2.46 4.75
N GLU A 16 3.60 1.54 5.49
CA GLU A 16 2.13 1.30 5.37
C GLU A 16 1.38 2.61 5.61
N GLN A 17 1.78 3.35 6.62
CA GLN A 17 1.11 4.65 6.91
C GLN A 17 1.22 5.58 5.70
N ARG A 18 2.31 5.48 4.99
CA ARG A 18 2.50 6.36 3.79
C ARG A 18 1.50 5.97 2.70
N ILE A 19 1.35 4.70 2.44
CA ILE A 19 0.40 4.26 1.39
C ILE A 19 -1.05 4.35 1.91
N LEU A 20 -1.29 3.84 3.08
CA LEU A 20 -2.68 3.89 3.64
C LEU A 20 -3.24 5.32 3.57
N LYS A 21 -2.47 6.29 3.97
CA LYS A 21 -2.96 7.70 3.93
C LYS A 21 -3.18 8.12 2.48
N PHE A 22 -2.19 7.95 1.64
CA PHE A 22 -2.35 8.36 0.22
C PHE A 22 -3.59 7.66 -0.37
N LEU A 23 -3.69 6.37 -0.24
CA LEU A 23 -4.89 5.66 -0.79
C LEU A 23 -6.16 6.36 -0.26
N GLU A 24 -6.09 6.88 0.93
CA GLU A 24 -7.27 7.61 1.49
C GLU A 24 -7.40 8.94 0.75
N GLU A 25 -6.30 9.58 0.47
CA GLU A 25 -6.32 10.88 -0.27
C GLU A 25 -6.91 10.65 -1.67
N LEU A 26 -6.59 9.55 -2.28
CA LEU A 26 -7.12 9.28 -3.64
C LEU A 26 -8.38 8.43 -3.54
N GLY A 27 -9.36 8.87 -2.80
CA GLY A 27 -10.61 8.09 -2.67
C GLY A 27 -11.65 8.60 -3.68
N GLU A 28 -11.20 9.14 -4.78
CA GLU A 28 -12.15 9.66 -5.81
C GLU A 28 -12.68 8.53 -6.71
N GLY A 29 -12.51 7.29 -6.33
CA GLY A 29 -13.01 6.17 -7.19
C GLY A 29 -11.89 5.67 -8.09
N LYS A 30 -10.94 6.52 -8.41
CA LYS A 30 -9.82 6.09 -9.29
C LYS A 30 -8.69 5.47 -8.46
N ALA A 31 -8.77 4.19 -8.22
CA ALA A 31 -7.71 3.52 -7.40
C ALA A 31 -6.33 3.82 -8.01
N THR A 32 -5.29 3.26 -7.44
CA THR A 32 -3.92 3.51 -7.99
C THR A 32 -3.10 2.23 -7.98
N THR A 33 -2.15 2.13 -8.88
CA THR A 33 -1.30 0.90 -8.93
C THR A 33 -0.05 1.10 -8.07
N ALA A 34 0.53 0.04 -7.57
CA ALA A 34 1.75 0.18 -6.73
C ALA A 34 2.78 1.07 -7.43
N HIS A 35 2.77 1.06 -8.73
CA HIS A 35 3.72 1.93 -9.49
C HIS A 35 3.48 3.39 -9.08
N ASP A 36 2.23 3.79 -9.04
CA ASP A 36 1.92 5.20 -8.64
C ASP A 36 2.22 5.39 -7.16
N LEU A 37 1.97 4.38 -6.37
CA LEU A 37 2.25 4.50 -4.90
C LEU A 37 3.69 4.95 -4.68
N SER A 38 4.61 4.37 -5.40
CA SER A 38 6.05 4.77 -5.24
C SER A 38 6.26 6.21 -5.75
N GLY A 39 5.39 6.69 -6.60
CA GLY A 39 5.55 8.07 -7.12
C GLY A 39 4.92 9.06 -6.14
N LYS A 40 3.65 8.92 -5.88
CA LYS A 40 2.96 9.85 -4.93
C LYS A 40 3.71 9.88 -3.59
N LEU A 41 4.40 8.82 -3.28
CA LEU A 41 5.12 8.78 -1.97
C LEU A 41 6.64 8.84 -2.19
N GLY A 42 7.12 8.22 -3.23
CA GLY A 42 8.60 8.25 -3.48
C GLY A 42 9.19 6.89 -3.10
N THR A 43 8.51 6.15 -2.27
CA THR A 43 9.05 4.82 -1.85
C THR A 43 9.21 3.92 -3.09
N PRO A 44 10.21 3.07 -3.05
CA PRO A 44 10.48 2.15 -4.18
C PRO A 44 9.37 1.10 -4.28
N LYS A 45 9.00 0.73 -5.48
CA LYS A 45 7.91 -0.29 -5.66
C LYS A 45 8.13 -1.49 -4.75
N LYS A 46 9.33 -2.02 -4.70
CA LYS A 46 9.61 -3.21 -3.84
C LYS A 46 9.02 -3.01 -2.44
N GLU A 47 9.10 -1.82 -1.91
CA GLU A 47 8.54 -1.56 -0.56
C GLU A 47 7.02 -1.33 -0.67
N ILE A 48 6.60 -0.76 -1.77
CA ILE A 48 5.15 -0.51 -1.98
C ILE A 48 4.40 -1.84 -2.08
N ASN A 49 4.99 -2.82 -2.71
CA ASN A 49 4.31 -4.14 -2.84
C ASN A 49 4.20 -4.83 -1.48
N ARG A 50 5.30 -5.04 -0.80
CA ARG A 50 5.22 -5.72 0.53
C ARG A 50 4.25 -4.95 1.43
N VAL A 51 4.11 -3.67 1.19
CA VAL A 51 3.18 -2.85 2.02
C VAL A 51 1.76 -2.97 1.42
N LEU A 52 1.65 -2.84 0.12
CA LEU A 52 0.32 -2.95 -0.53
C LEU A 52 -0.34 -4.26 -0.11
N TYR A 53 0.40 -5.35 -0.13
CA TYR A 53 -0.19 -6.65 0.27
C TYR A 53 -0.47 -6.63 1.78
N SER A 54 0.46 -6.14 2.55
CA SER A 54 0.23 -6.09 4.03
C SER A 54 -1.09 -5.35 4.31
N LEU A 55 -1.35 -4.32 3.57
CA LEU A 55 -2.62 -3.56 3.77
C LEU A 55 -3.79 -4.42 3.28
N ALA A 56 -3.67 -4.92 2.08
CA ALA A 56 -4.76 -5.77 1.52
C ALA A 56 -4.97 -7.01 2.39
N LYS A 57 -4.02 -7.32 3.23
CA LYS A 57 -4.16 -8.53 4.10
C LYS A 57 -4.97 -8.22 5.37
N LYS A 58 -4.79 -7.06 5.94
CA LYS A 58 -5.55 -6.72 7.17
C LYS A 58 -7.03 -6.44 6.84
N GLY A 59 -7.34 -6.22 5.59
CA GLY A 59 -8.76 -5.95 5.22
C GLY A 59 -8.97 -4.44 5.16
N LYS A 60 -7.94 -3.69 4.94
CA LYS A 60 -8.09 -2.20 4.87
C LYS A 60 -7.98 -1.72 3.42
N LEU A 61 -7.20 -2.39 2.62
CA LEU A 61 -7.06 -1.96 1.19
C LEU A 61 -7.99 -2.77 0.30
N GLN A 62 -8.24 -2.28 -0.87
CA GLN A 62 -9.13 -3.01 -1.83
C GLN A 62 -8.42 -3.15 -3.17
N LYS A 63 -7.71 -4.22 -3.37
CA LYS A 63 -6.98 -4.41 -4.66
C LYS A 63 -7.97 -4.65 -5.81
N GLU A 64 -7.63 -4.22 -6.99
CA GLU A 64 -8.55 -4.42 -8.15
C GLU A 64 -7.87 -5.30 -9.19
N ALA A 65 -8.40 -6.48 -9.43
CA ALA A 65 -7.79 -7.40 -10.43
C ALA A 65 -7.54 -6.66 -11.75
N GLY A 66 -6.41 -6.91 -12.37
CA GLY A 66 -6.09 -6.22 -13.66
C GLY A 66 -4.59 -6.30 -13.91
N THR A 67 -4.07 -5.42 -14.73
CA THR A 67 -2.61 -5.44 -15.03
C THR A 67 -2.13 -4.04 -15.45
N PRO A 68 -1.54 -3.28 -14.54
CA PRO A 68 -1.32 -3.76 -13.14
C PRO A 68 -2.59 -3.59 -12.30
N PRO A 69 -2.64 -4.31 -11.22
CA PRO A 69 -3.82 -4.25 -10.31
C PRO A 69 -3.89 -2.89 -9.61
N LEU A 70 -5.07 -2.36 -9.43
CA LEU A 70 -5.21 -1.03 -8.76
C LEU A 70 -5.53 -1.22 -7.27
N TRP A 71 -5.05 -0.33 -6.45
CA TRP A 71 -5.32 -0.45 -4.98
C TRP A 71 -6.11 0.76 -4.47
N LYS A 72 -7.10 0.52 -3.67
CA LYS A 72 -7.91 1.65 -3.12
C LYS A 72 -8.41 1.30 -1.72
N ILE A 73 -8.52 2.27 -0.86
CA ILE A 73 -9.00 2.00 0.53
C ILE A 73 -10.30 1.18 0.50
N ALA A 74 -10.36 0.13 1.26
CA ALA A 74 -11.60 -0.71 1.27
C ALA A 74 -12.58 -0.18 2.33
N VAL A 75 -13.77 0.17 1.93
CA VAL A 75 -14.76 0.68 2.91
C VAL A 75 -16.12 0.01 2.71
N SER A 76 -16.62 -0.66 3.71
CA SER A 76 -17.93 -1.34 3.56
C SER A 76 -19.01 -0.59 4.35
N ASP A 77 -19.70 0.32 3.72
CA ASP A 77 -20.76 1.08 4.44
C ASP A 77 -22.10 0.92 3.73
N LEU A 2 22.69 -8.09 10.85
CA LEU A 2 21.43 -8.85 10.62
C LEU A 2 20.54 -8.79 11.86
N SER A 3 21.10 -8.46 12.99
CA SER A 3 20.27 -8.39 14.23
C SER A 3 19.05 -7.50 14.02
N SER A 4 19.11 -6.61 13.07
CA SER A 4 17.95 -5.72 12.80
C SER A 4 17.03 -6.33 11.75
N HIS A 5 17.58 -7.10 10.84
CA HIS A 5 16.73 -7.73 9.78
C HIS A 5 15.65 -8.60 10.41
N PHE A 6 15.85 -9.02 11.64
CA PHE A 6 14.82 -9.89 12.30
C PHE A 6 13.68 -9.04 12.85
N GLN A 7 13.96 -7.85 13.30
CA GLN A 7 12.89 -6.99 13.87
C GLN A 7 12.19 -6.20 12.76
N GLU A 8 11.78 -6.86 11.71
CA GLU A 8 11.08 -6.16 10.61
C GLU A 8 9.58 -6.11 10.88
N LEU A 9 9.17 -5.47 11.95
CA LEU A 9 7.70 -5.41 12.26
C LEU A 9 7.19 -3.98 12.11
N SER A 10 7.36 -3.16 13.10
CA SER A 10 6.87 -1.75 12.99
C SER A 10 7.60 -1.00 11.88
N ILE A 11 8.69 -1.54 11.39
CA ILE A 11 9.45 -0.84 10.31
C ILE A 11 8.58 -0.66 9.06
N TYR A 12 7.75 -1.61 8.73
CA TYR A 12 6.89 -1.42 7.53
C TYR A 12 5.61 -0.67 7.91
N GLN A 13 5.32 -0.57 9.19
CA GLN A 13 4.11 0.18 9.61
C GLN A 13 4.22 1.61 9.09
N ASP A 14 5.38 2.20 9.19
CA ASP A 14 5.56 3.56 8.66
C ASP A 14 5.29 3.54 7.15
N GLN A 15 5.75 2.49 6.51
CA GLN A 15 5.51 2.36 5.05
C GLN A 15 4.02 2.15 4.78
N GLU A 16 3.37 1.39 5.62
CA GLU A 16 1.91 1.14 5.44
C GLU A 16 1.15 2.46 5.59
N GLN A 17 1.33 3.14 6.69
CA GLN A 17 0.62 4.44 6.89
C GLN A 17 0.90 5.37 5.71
N ARG A 18 2.11 5.34 5.21
CA ARG A 18 2.45 6.21 4.06
C ARG A 18 1.55 5.87 2.87
N ILE A 19 1.42 4.62 2.55
CA ILE A 19 0.53 4.22 1.41
C ILE A 19 -0.94 4.38 1.82
N LEU A 20 -1.28 3.96 3.00
CA LEU A 20 -2.70 4.09 3.45
C LEU A 20 -3.16 5.55 3.34
N LYS A 21 -2.44 6.46 3.93
CA LYS A 21 -2.83 7.90 3.86
C LYS A 21 -3.07 8.30 2.39
N PHE A 22 -2.14 8.00 1.53
CA PHE A 22 -2.32 8.36 0.10
C PHE A 22 -3.62 7.74 -0.43
N LEU A 23 -3.75 6.44 -0.35
CA LEU A 23 -4.99 5.79 -0.84
C LEU A 23 -6.22 6.49 -0.25
N GLU A 24 -6.09 7.05 0.92
CA GLU A 24 -7.23 7.77 1.54
C GLU A 24 -7.40 9.15 0.91
N GLU A 25 -6.32 9.80 0.53
CA GLU A 25 -6.44 11.16 -0.07
C GLU A 25 -7.15 11.09 -1.43
N LEU A 26 -7.21 9.92 -2.02
CA LEU A 26 -7.89 9.78 -3.35
C LEU A 26 -9.38 10.10 -3.21
N GLY A 27 -9.73 11.35 -3.18
CA GLY A 27 -11.17 11.73 -3.03
C GLY A 27 -11.97 11.14 -4.19
N GLU A 28 -11.56 11.39 -5.41
CA GLU A 28 -12.30 10.83 -6.58
C GLU A 28 -12.59 9.34 -6.39
N GLY A 29 -11.79 8.66 -5.63
CA GLY A 29 -12.02 7.20 -5.40
C GLY A 29 -11.49 6.39 -6.58
N LYS A 30 -10.29 6.70 -7.01
CA LYS A 30 -9.70 5.93 -8.16
C LYS A 30 -8.57 5.04 -7.65
N ALA A 31 -8.75 3.75 -7.74
CA ALA A 31 -7.68 2.82 -7.26
C ALA A 31 -6.35 3.15 -7.95
N THR A 32 -5.26 3.08 -7.22
CA THR A 32 -3.94 3.39 -7.82
C THR A 32 -3.05 2.14 -7.84
N THR A 33 -2.21 2.03 -8.83
CA THR A 33 -1.32 0.82 -8.92
C THR A 33 -0.04 1.04 -8.11
N ALA A 34 0.59 -0.03 -7.68
CA ALA A 34 1.85 0.12 -6.88
C ALA A 34 2.81 1.08 -7.58
N HIS A 35 2.86 1.04 -8.89
CA HIS A 35 3.75 1.98 -9.63
C HIS A 35 3.37 3.41 -9.21
N ASP A 36 2.10 3.69 -9.12
CA ASP A 36 1.65 5.04 -8.69
C ASP A 36 2.00 5.22 -7.21
N LEU A 37 1.80 4.20 -6.42
CA LEU A 37 2.16 4.28 -4.97
C LEU A 37 3.62 4.71 -4.84
N SER A 38 4.48 4.05 -5.57
CA SER A 38 5.93 4.38 -5.51
C SER A 38 6.18 5.79 -6.04
N GLY A 39 5.36 6.26 -6.94
CA GLY A 39 5.56 7.64 -7.48
C GLY A 39 4.92 8.66 -6.53
N LYS A 40 3.66 8.53 -6.27
CA LYS A 40 2.98 9.49 -5.35
C LYS A 40 3.74 9.60 -4.04
N LEU A 41 4.44 8.56 -3.67
CA LEU A 41 5.19 8.59 -2.37
C LEU A 41 6.70 8.66 -2.63
N GLY A 42 7.16 8.10 -3.72
CA GLY A 42 8.62 8.12 -4.00
C GLY A 42 9.26 6.80 -3.53
N THR A 43 8.61 6.11 -2.63
CA THR A 43 9.16 4.83 -2.13
C THR A 43 9.33 3.83 -3.29
N PRO A 44 10.35 3.02 -3.19
CA PRO A 44 10.60 2.00 -4.26
C PRO A 44 9.49 0.96 -4.28
N LYS A 45 9.12 0.50 -5.44
CA LYS A 45 8.02 -0.53 -5.54
C LYS A 45 8.23 -1.66 -4.53
N LYS A 46 9.44 -2.14 -4.40
CA LYS A 46 9.71 -3.25 -3.44
C LYS A 46 9.06 -2.95 -2.08
N GLU A 47 9.13 -1.73 -1.64
CA GLU A 47 8.50 -1.37 -0.34
C GLU A 47 7.00 -1.16 -0.55
N ILE A 48 6.63 -0.71 -1.72
CA ILE A 48 5.19 -0.49 -2.01
C ILE A 48 4.46 -1.82 -2.08
N ASN A 49 5.02 -2.78 -2.77
CA ASN A 49 4.35 -4.11 -2.88
C ASN A 49 4.30 -4.82 -1.52
N ARG A 50 5.43 -4.95 -0.85
CA ARG A 50 5.40 -5.63 0.47
C ARG A 50 4.42 -4.91 1.39
N VAL A 51 4.22 -3.64 1.18
CA VAL A 51 3.26 -2.88 2.02
C VAL A 51 1.85 -3.03 1.43
N LEU A 52 1.72 -2.84 0.14
CA LEU A 52 0.38 -2.99 -0.50
C LEU A 52 -0.24 -4.33 -0.11
N TYR A 53 0.54 -5.39 -0.12
CA TYR A 53 0.01 -6.71 0.27
C TYR A 53 -0.35 -6.70 1.75
N SER A 54 0.52 -6.14 2.57
CA SER A 54 0.23 -6.09 4.03
C SER A 54 -1.13 -5.41 4.25
N LEU A 55 -1.35 -4.30 3.61
CA LEU A 55 -2.65 -3.59 3.75
C LEU A 55 -3.76 -4.49 3.20
N ALA A 56 -3.59 -4.97 2.00
CA ALA A 56 -4.61 -5.86 1.39
C ALA A 56 -4.84 -7.08 2.29
N LYS A 57 -3.80 -7.54 2.95
CA LYS A 57 -3.96 -8.72 3.85
C LYS A 57 -4.34 -8.27 5.26
N LYS A 58 -4.69 -7.01 5.43
CA LYS A 58 -5.07 -6.52 6.78
C LYS A 58 -6.56 -6.20 6.82
N GLY A 59 -7.16 -5.96 5.68
CA GLY A 59 -8.61 -5.64 5.65
C GLY A 59 -8.80 -4.12 5.50
N LYS A 60 -7.79 -3.43 5.04
CA LYS A 60 -7.93 -1.96 4.89
C LYS A 60 -7.81 -1.56 3.40
N LEU A 61 -7.11 -2.33 2.62
CA LEU A 61 -6.96 -1.99 1.18
C LEU A 61 -7.88 -2.86 0.32
N GLN A 62 -8.14 -2.43 -0.88
CA GLN A 62 -9.01 -3.23 -1.79
C GLN A 62 -8.34 -3.31 -3.17
N LYS A 63 -7.57 -4.34 -3.40
CA LYS A 63 -6.88 -4.47 -4.71
C LYS A 63 -7.90 -4.60 -5.85
N GLU A 64 -7.56 -4.10 -7.01
CA GLU A 64 -8.50 -4.19 -8.16
C GLU A 64 -7.88 -5.02 -9.28
N ALA A 65 -8.45 -6.15 -9.58
CA ALA A 65 -7.89 -7.02 -10.66
C ALA A 65 -7.61 -6.19 -11.92
N GLY A 66 -6.38 -6.20 -12.39
CA GLY A 66 -6.05 -5.42 -13.60
C GLY A 66 -4.54 -5.48 -13.84
N THR A 67 -4.09 -5.10 -15.01
CA THR A 67 -2.63 -5.15 -15.30
C THR A 67 -2.11 -3.73 -15.64
N PRO A 68 -1.49 -3.07 -14.68
CA PRO A 68 -1.27 -3.64 -13.33
C PRO A 68 -2.52 -3.49 -12.45
N PRO A 69 -2.59 -4.29 -11.42
CA PRO A 69 -3.75 -4.24 -10.50
C PRO A 69 -3.74 -2.93 -9.70
N LEU A 70 -4.87 -2.30 -9.56
CA LEU A 70 -4.91 -1.01 -8.79
C LEU A 70 -5.24 -1.28 -7.32
N TRP A 71 -4.99 -0.32 -6.46
CA TRP A 71 -5.29 -0.52 -5.01
C TRP A 71 -6.11 0.66 -4.49
N LYS A 72 -7.12 0.38 -3.72
CA LYS A 72 -7.96 1.49 -3.16
C LYS A 72 -8.43 1.13 -1.74
N ILE A 73 -8.54 2.10 -0.88
CA ILE A 73 -9.00 1.82 0.52
C ILE A 73 -10.28 0.98 0.49
N ALA A 74 -10.35 -0.03 1.31
CA ALA A 74 -11.57 -0.89 1.34
C ALA A 74 -12.62 -0.29 2.30
N VAL A 75 -13.54 0.47 1.79
CA VAL A 75 -14.58 1.07 2.67
C VAL A 75 -15.58 0.00 3.13
N SER A 76 -15.26 -0.71 4.18
CA SER A 76 -16.18 -1.77 4.68
C SER A 76 -16.48 -1.56 6.15
N ASP A 77 -17.53 -0.87 6.47
CA ASP A 77 -17.88 -0.63 7.90
C ASP A 77 -18.70 -1.80 8.46
N LEU A 2 18.88 -15.12 11.39
CA LEU A 2 17.82 -14.33 12.09
C LEU A 2 18.18 -12.84 12.08
N SER A 3 19.42 -12.51 11.84
CA SER A 3 19.82 -11.07 11.83
C SER A 3 19.01 -10.31 10.78
N SER A 4 18.41 -11.00 9.85
CA SER A 4 17.60 -10.29 8.81
C SER A 4 16.12 -10.31 9.20
N HIS A 5 15.74 -11.24 10.02
CA HIS A 5 14.30 -11.31 10.43
C HIS A 5 13.91 -10.11 11.31
N PHE A 6 14.78 -9.69 12.20
CA PHE A 6 14.43 -8.53 13.06
C PHE A 6 14.55 -7.23 12.27
N GLN A 7 15.44 -7.17 11.31
CA GLN A 7 15.59 -5.94 10.50
C GLN A 7 14.24 -5.56 9.88
N GLU A 8 13.34 -6.50 9.77
CA GLU A 8 12.01 -6.20 9.17
C GLU A 8 10.94 -6.18 10.26
N LEU A 9 9.69 -6.32 9.88
CA LEU A 9 8.57 -6.30 10.88
C LEU A 9 8.53 -4.93 11.57
N SER A 10 7.36 -4.35 11.70
CA SER A 10 7.20 -3.00 12.34
C SER A 10 7.75 -1.91 11.40
N ILE A 11 8.99 -2.04 11.02
CA ILE A 11 9.61 -1.04 10.09
C ILE A 11 8.68 -0.75 8.91
N TYR A 12 7.95 -1.73 8.44
CA TYR A 12 7.03 -1.46 7.30
C TYR A 12 5.77 -0.73 7.77
N GLN A 13 5.53 -0.70 9.06
CA GLN A 13 4.34 0.02 9.58
C GLN A 13 4.40 1.47 9.13
N ASP A 14 5.56 2.07 9.20
CA ASP A 14 5.71 3.47 8.75
C ASP A 14 5.45 3.54 7.24
N GLN A 15 5.81 2.50 6.54
CA GLN A 15 5.59 2.46 5.07
C GLN A 15 4.09 2.34 4.77
N GLU A 16 3.40 1.52 5.52
CA GLU A 16 1.93 1.37 5.28
C GLU A 16 1.24 2.73 5.41
N GLN A 17 1.58 3.48 6.41
CA GLN A 17 0.95 4.82 6.60
C GLN A 17 1.12 5.65 5.32
N ARG A 18 2.29 5.61 4.74
CA ARG A 18 2.53 6.39 3.49
C ARG A 18 1.48 6.00 2.44
N ILE A 19 1.34 4.73 2.18
CA ILE A 19 0.34 4.28 1.17
C ILE A 19 -1.08 4.40 1.74
N LEU A 20 -1.25 4.09 3.00
CA LEU A 20 -2.59 4.17 3.63
C LEU A 20 -3.15 5.60 3.54
N LYS A 21 -2.38 6.57 3.94
CA LYS A 21 -2.87 7.97 3.88
C LYS A 21 -3.12 8.40 2.43
N PHE A 22 -2.27 8.00 1.52
CA PHE A 22 -2.46 8.39 0.10
C PHE A 22 -3.75 7.78 -0.45
N LEU A 23 -3.88 6.47 -0.44
CA LEU A 23 -5.13 5.84 -0.97
C LEU A 23 -6.36 6.51 -0.33
N GLU A 24 -6.19 7.07 0.83
CA GLU A 24 -7.33 7.76 1.50
C GLU A 24 -7.56 9.14 0.86
N GLU A 25 -6.53 9.74 0.32
CA GLU A 25 -6.70 11.08 -0.31
C GLU A 25 -7.34 10.94 -1.71
N LEU A 26 -7.17 9.81 -2.33
CA LEU A 26 -7.76 9.61 -3.69
C LEU A 26 -9.28 9.80 -3.64
N GLY A 27 -10.00 8.80 -3.22
CA GLY A 27 -11.48 8.92 -3.16
C GLY A 27 -12.12 7.60 -3.58
N GLU A 28 -13.14 7.17 -2.88
CA GLU A 28 -13.81 5.88 -3.25
C GLU A 28 -14.17 5.88 -4.73
N GLY A 29 -13.51 5.06 -5.50
CA GLY A 29 -13.82 5.00 -6.97
C GLY A 29 -12.52 5.10 -7.77
N LYS A 30 -11.57 5.85 -7.29
CA LYS A 30 -10.29 5.98 -8.03
C LYS A 30 -9.17 5.23 -7.30
N ALA A 31 -8.71 4.15 -7.86
CA ALA A 31 -7.63 3.36 -7.19
C ALA A 31 -6.28 3.66 -7.86
N THR A 32 -5.20 3.24 -7.25
CA THR A 32 -3.86 3.50 -7.85
C THR A 32 -3.02 2.21 -7.83
N THR A 33 -2.13 2.07 -8.78
CA THR A 33 -1.28 0.84 -8.83
C THR A 33 -0.01 1.05 -8.01
N ALA A 34 0.60 -0.01 -7.55
CA ALA A 34 1.86 0.12 -6.75
C ALA A 34 2.84 1.02 -7.50
N HIS A 35 2.82 1.00 -8.80
CA HIS A 35 3.74 1.88 -9.58
C HIS A 35 3.49 3.33 -9.18
N ASP A 36 2.24 3.73 -9.15
CA ASP A 36 1.93 5.13 -8.74
C ASP A 36 2.21 5.32 -7.26
N LEU A 37 2.07 4.27 -6.48
CA LEU A 37 2.34 4.39 -5.02
C LEU A 37 3.79 4.84 -4.80
N SER A 38 4.73 4.18 -5.43
CA SER A 38 6.16 4.55 -5.27
C SER A 38 6.40 5.98 -5.78
N GLY A 39 5.61 6.41 -6.72
CA GLY A 39 5.79 7.79 -7.26
C GLY A 39 5.07 8.79 -6.35
N LYS A 40 3.79 8.61 -6.16
CA LYS A 40 3.02 9.55 -5.28
C LYS A 40 3.71 9.68 -3.92
N LEU A 41 4.41 8.67 -3.51
CA LEU A 41 5.08 8.73 -2.18
C LEU A 41 6.60 8.82 -2.34
N GLY A 42 7.17 7.97 -3.15
CA GLY A 42 8.64 7.99 -3.36
C GLY A 42 9.22 6.64 -2.96
N THR A 43 8.53 5.89 -2.16
CA THR A 43 9.04 4.56 -1.73
C THR A 43 9.25 3.66 -2.96
N PRO A 44 10.27 2.83 -2.89
CA PRO A 44 10.56 1.91 -4.01
C PRO A 44 9.46 0.85 -4.13
N LYS A 45 9.14 0.43 -5.33
CA LYS A 45 8.07 -0.58 -5.52
C LYS A 45 8.27 -1.77 -4.56
N LYS A 46 9.47 -2.27 -4.45
CA LYS A 46 9.71 -3.43 -3.53
C LYS A 46 9.09 -3.15 -2.15
N GLU A 47 9.06 -1.90 -1.76
CA GLU A 47 8.46 -1.55 -0.44
C GLU A 47 6.95 -1.32 -0.62
N ILE A 48 6.57 -0.82 -1.76
CA ILE A 48 5.12 -0.57 -2.02
C ILE A 48 4.37 -1.90 -2.08
N ASN A 49 4.96 -2.90 -2.68
CA ASN A 49 4.26 -4.21 -2.78
C ASN A 49 4.19 -4.89 -1.42
N ARG A 50 5.31 -5.04 -0.74
CA ARG A 50 5.25 -5.70 0.60
C ARG A 50 4.28 -4.92 1.50
N VAL A 51 4.12 -3.65 1.23
CA VAL A 51 3.16 -2.83 2.03
C VAL A 51 1.76 -3.00 1.44
N LEU A 52 1.64 -2.85 0.14
CA LEU A 52 0.30 -3.01 -0.51
C LEU A 52 -0.29 -4.37 -0.13
N TYR A 53 0.50 -5.41 -0.22
CA TYR A 53 -0.01 -6.75 0.15
C TYR A 53 -0.33 -6.77 1.65
N SER A 54 0.51 -6.17 2.45
CA SER A 54 0.25 -6.14 3.91
C SER A 54 -1.07 -5.43 4.17
N LEU A 55 -1.26 -4.26 3.61
CA LEU A 55 -2.54 -3.53 3.82
C LEU A 55 -3.68 -4.35 3.23
N ALA A 56 -3.49 -4.90 2.06
CA ALA A 56 -4.57 -5.73 1.45
C ALA A 56 -4.88 -6.89 2.40
N LYS A 57 -3.87 -7.50 2.94
CA LYS A 57 -4.10 -8.62 3.90
C LYS A 57 -4.51 -8.07 5.26
N LYS A 58 -4.35 -6.79 5.47
CA LYS A 58 -4.74 -6.18 6.76
C LYS A 58 -6.26 -6.04 6.85
N GLY A 59 -6.92 -5.96 5.72
CA GLY A 59 -8.40 -5.83 5.73
C GLY A 59 -8.78 -4.35 5.52
N LYS A 60 -7.85 -3.54 5.10
CA LYS A 60 -8.16 -2.09 4.89
C LYS A 60 -8.00 -1.71 3.42
N LEU A 61 -7.24 -2.46 2.66
CA LEU A 61 -7.05 -2.12 1.23
C LEU A 61 -7.94 -2.99 0.35
N GLN A 62 -8.11 -2.59 -0.89
CA GLN A 62 -8.95 -3.38 -1.83
C GLN A 62 -8.28 -3.41 -3.20
N LYS A 63 -7.51 -4.44 -3.48
CA LYS A 63 -6.83 -4.52 -4.80
C LYS A 63 -7.85 -4.68 -5.93
N GLU A 64 -7.55 -4.15 -7.08
CA GLU A 64 -8.49 -4.27 -8.23
C GLU A 64 -7.85 -5.09 -9.35
N ALA A 65 -8.39 -6.27 -9.61
CA ALA A 65 -7.81 -7.13 -10.68
C ALA A 65 -7.61 -6.33 -11.96
N GLY A 66 -6.52 -6.57 -12.65
CA GLY A 66 -6.24 -5.84 -13.91
C GLY A 66 -4.75 -5.93 -14.25
N THR A 67 -4.24 -5.00 -15.00
CA THR A 67 -2.80 -5.05 -15.36
C THR A 67 -2.29 -3.63 -15.72
N PRO A 68 -1.65 -2.96 -14.78
CA PRO A 68 -1.40 -3.51 -13.42
C PRO A 68 -2.65 -3.37 -12.53
N PRO A 69 -2.70 -4.15 -11.49
CA PRO A 69 -3.86 -4.09 -10.55
C PRO A 69 -3.83 -2.78 -9.75
N LEU A 70 -4.97 -2.22 -9.47
CA LEU A 70 -5.00 -0.95 -8.69
C LEU A 70 -5.32 -1.21 -7.23
N TRP A 71 -4.93 -0.33 -6.35
CA TRP A 71 -5.21 -0.53 -4.90
C TRP A 71 -6.04 0.64 -4.36
N LYS A 72 -7.08 0.35 -3.63
CA LYS A 72 -7.91 1.45 -3.06
C LYS A 72 -8.39 1.07 -1.66
N ILE A 73 -8.39 2.01 -0.75
CA ILE A 73 -8.85 1.71 0.64
C ILE A 73 -10.21 1.01 0.62
N ALA A 74 -10.32 -0.11 1.27
CA ALA A 74 -11.61 -0.85 1.28
C ALA A 74 -12.55 -0.27 2.36
N VAL A 75 -13.56 0.43 1.95
CA VAL A 75 -14.50 1.02 2.95
C VAL A 75 -15.26 -0.08 3.68
N SER A 76 -14.69 -0.62 4.72
CA SER A 76 -15.38 -1.72 5.48
C SER A 76 -15.00 -1.66 6.96
N ASP A 77 -15.96 -1.43 7.81
CA ASP A 77 -15.66 -1.35 9.27
C ASP A 77 -15.18 -2.71 9.77
N LEU A 2 21.80 -12.37 9.96
CA LEU A 2 20.50 -12.89 10.45
C LEU A 2 19.84 -11.88 11.40
N SER A 3 20.55 -11.48 12.43
CA SER A 3 19.97 -10.50 13.39
C SER A 3 19.58 -9.21 12.66
N SER A 4 20.29 -8.87 11.62
CA SER A 4 19.96 -7.63 10.86
C SER A 4 18.75 -7.86 9.96
N HIS A 5 18.19 -9.05 9.96
CA HIS A 5 17.01 -9.32 9.09
C HIS A 5 15.70 -9.06 9.85
N PHE A 6 15.41 -9.83 10.86
CA PHE A 6 14.15 -9.65 11.62
C PHE A 6 13.93 -8.17 11.97
N GLN A 7 14.98 -7.40 12.05
CA GLN A 7 14.83 -5.96 12.37
C GLN A 7 13.98 -5.26 11.31
N GLU A 8 13.78 -5.89 10.18
CA GLU A 8 12.96 -5.25 9.10
C GLU A 8 11.48 -5.51 9.35
N LEU A 9 10.99 -5.21 10.53
CA LEU A 9 9.54 -5.43 10.81
C LEU A 9 8.83 -4.08 10.93
N SER A 10 8.83 -3.47 12.09
CA SER A 10 8.14 -2.16 12.24
C SER A 10 8.54 -1.20 11.11
N ILE A 11 9.70 -1.38 10.56
CA ILE A 11 10.17 -0.47 9.47
C ILE A 11 9.08 -0.30 8.39
N TYR A 12 8.36 -1.34 8.06
CA TYR A 12 7.31 -1.18 6.99
C TYR A 12 6.07 -0.46 7.55
N GLN A 13 6.03 -0.21 8.83
CA GLN A 13 4.86 0.51 9.39
C GLN A 13 4.88 1.94 8.86
N ASP A 14 6.02 2.57 8.90
CA ASP A 14 6.11 3.96 8.36
C ASP A 14 5.71 3.93 6.89
N GLN A 15 6.08 2.89 6.20
CA GLN A 15 5.71 2.77 4.76
C GLN A 15 4.19 2.57 4.65
N GLU A 16 3.63 1.76 5.51
CA GLU A 16 2.16 1.52 5.46
C GLU A 16 1.41 2.85 5.65
N GLN A 17 1.75 3.57 6.68
CA GLN A 17 1.06 4.88 6.92
C GLN A 17 1.21 5.77 5.68
N ARG A 18 2.30 5.62 4.98
CA ARG A 18 2.52 6.45 3.76
C ARG A 18 1.50 6.05 2.68
N ILE A 19 1.36 4.78 2.42
CA ILE A 19 0.38 4.33 1.40
C ILE A 19 -1.04 4.44 1.94
N LEU A 20 -1.26 4.03 3.16
CA LEU A 20 -2.62 4.13 3.75
C LEU A 20 -3.18 5.55 3.61
N LYS A 21 -2.44 6.53 4.04
CA LYS A 21 -2.93 7.94 3.92
C LYS A 21 -3.21 8.28 2.46
N PHE A 22 -2.26 8.02 1.59
CA PHE A 22 -2.46 8.33 0.14
C PHE A 22 -3.69 7.56 -0.37
N LEU A 23 -3.71 6.26 -0.21
CA LEU A 23 -4.89 5.48 -0.70
C LEU A 23 -6.18 6.11 -0.21
N GLU A 24 -6.14 6.75 0.93
CA GLU A 24 -7.37 7.40 1.46
C GLU A 24 -7.64 8.71 0.73
N GLU A 25 -6.61 9.40 0.31
CA GLU A 25 -6.83 10.70 -0.41
C GLU A 25 -7.31 10.43 -1.85
N LEU A 26 -7.04 9.27 -2.36
CA LEU A 26 -7.50 8.95 -3.76
C LEU A 26 -9.01 8.79 -3.81
N GLY A 27 -9.54 7.78 -3.17
CA GLY A 27 -11.01 7.57 -3.18
C GLY A 27 -11.31 6.09 -3.43
N GLU A 28 -12.27 5.55 -2.73
CA GLU A 28 -12.61 4.11 -2.92
C GLU A 28 -12.86 3.78 -4.39
N GLY A 29 -13.14 4.76 -5.22
CA GLY A 29 -13.40 4.47 -6.65
C GLY A 29 -12.09 4.58 -7.44
N LYS A 30 -11.42 5.70 -7.36
CA LYS A 30 -10.14 5.85 -8.10
C LYS A 30 -9.01 5.12 -7.37
N ALA A 31 -8.67 3.94 -7.82
CA ALA A 31 -7.58 3.18 -7.15
C ALA A 31 -6.24 3.47 -7.83
N THR A 32 -5.15 3.26 -7.14
CA THR A 32 -3.82 3.54 -7.76
C THR A 32 -2.97 2.26 -7.80
N THR A 33 -2.15 2.11 -8.80
CA THR A 33 -1.30 0.89 -8.91
C THR A 33 -0.03 1.06 -8.08
N ALA A 34 0.54 -0.02 -7.61
CA ALA A 34 1.79 0.09 -6.79
C ALA A 34 2.81 0.98 -7.51
N HIS A 35 2.82 0.93 -8.82
CA HIS A 35 3.77 1.79 -9.57
C HIS A 35 3.52 3.25 -9.17
N ASP A 36 2.28 3.64 -9.11
CA ASP A 36 1.95 5.05 -8.72
C ASP A 36 2.24 5.24 -7.23
N LEU A 37 2.01 4.22 -6.44
CA LEU A 37 2.28 4.34 -4.97
C LEU A 37 3.73 4.81 -4.75
N SER A 38 4.66 4.17 -5.41
CA SER A 38 6.09 4.56 -5.24
C SER A 38 6.31 6.00 -5.72
N GLY A 39 5.54 6.44 -6.67
CA GLY A 39 5.72 7.83 -7.19
C GLY A 39 5.00 8.80 -6.26
N LYS A 40 3.72 8.60 -6.05
CA LYS A 40 2.96 9.52 -5.15
C LYS A 40 3.66 9.65 -3.80
N LEU A 41 4.37 8.64 -3.40
CA LEU A 41 5.06 8.68 -2.08
C LEU A 41 6.57 8.78 -2.28
N GLY A 42 7.14 7.83 -2.98
CA GLY A 42 8.62 7.84 -3.19
C GLY A 42 9.19 6.48 -2.81
N THR A 43 8.49 5.74 -1.99
CA THR A 43 9.00 4.39 -1.57
C THR A 43 9.18 3.50 -2.80
N PRO A 44 10.19 2.67 -2.76
CA PRO A 44 10.48 1.75 -3.89
C PRO A 44 9.34 0.72 -4.03
N LYS A 45 9.07 0.30 -5.24
CA LYS A 45 7.98 -0.70 -5.47
C LYS A 45 8.09 -1.89 -4.50
N LYS A 46 9.28 -2.42 -4.34
CA LYS A 46 9.45 -3.60 -3.42
C LYS A 46 8.76 -3.32 -2.08
N GLU A 47 8.79 -2.10 -1.62
CA GLU A 47 8.12 -1.76 -0.35
C GLU A 47 6.63 -1.51 -0.62
N ILE A 48 6.35 -0.90 -1.74
CA ILE A 48 4.93 -0.63 -2.09
C ILE A 48 4.18 -1.94 -2.21
N ASN A 49 4.68 -2.86 -2.98
CA ASN A 49 3.98 -4.18 -3.11
C ASN A 49 3.98 -4.85 -1.74
N ARG A 50 5.10 -4.85 -1.09
CA ARG A 50 5.18 -5.46 0.27
C ARG A 50 4.13 -4.80 1.18
N VAL A 51 4.10 -3.49 1.19
CA VAL A 51 3.10 -2.79 2.03
C VAL A 51 1.70 -2.99 1.46
N LEU A 52 1.56 -2.86 0.16
CA LEU A 52 0.22 -3.05 -0.47
C LEU A 52 -0.37 -4.38 -0.02
N TYR A 53 0.40 -5.45 -0.11
CA TYR A 53 -0.13 -6.77 0.32
C TYR A 53 -0.44 -6.72 1.82
N SER A 54 0.42 -6.12 2.60
CA SER A 54 0.16 -6.03 4.06
C SER A 54 -1.19 -5.36 4.28
N LEU A 55 -1.41 -4.24 3.66
CA LEU A 55 -2.73 -3.54 3.81
C LEU A 55 -3.83 -4.45 3.28
N ALA A 56 -3.68 -4.91 2.07
CA ALA A 56 -4.71 -5.81 1.48
C ALA A 56 -4.93 -7.02 2.40
N LYS A 57 -3.88 -7.53 2.97
CA LYS A 57 -4.02 -8.70 3.87
C LYS A 57 -4.54 -8.25 5.25
N LYS A 58 -4.47 -6.98 5.53
CA LYS A 58 -4.94 -6.47 6.85
C LYS A 58 -6.46 -6.33 6.84
N GLY A 59 -7.02 -6.02 5.70
CA GLY A 59 -8.51 -5.85 5.61
C GLY A 59 -8.84 -4.36 5.47
N LYS A 60 -7.89 -3.55 5.11
CA LYS A 60 -8.16 -2.09 4.96
C LYS A 60 -7.95 -1.65 3.51
N LEU A 61 -7.30 -2.46 2.71
CA LEU A 61 -7.06 -2.07 1.29
C LEU A 61 -8.01 -2.81 0.37
N GLN A 62 -8.12 -2.37 -0.85
CA GLN A 62 -9.01 -3.05 -1.84
C GLN A 62 -8.30 -3.12 -3.20
N LYS A 63 -7.68 -4.22 -3.49
CA LYS A 63 -6.96 -4.35 -4.79
C LYS A 63 -7.96 -4.51 -5.95
N GLU A 64 -7.62 -3.99 -7.10
CA GLU A 64 -8.53 -4.12 -8.27
C GLU A 64 -7.86 -4.93 -9.37
N ALA A 65 -8.38 -6.09 -9.67
CA ALA A 65 -7.78 -6.94 -10.73
C ALA A 65 -7.49 -6.11 -12.00
N GLY A 66 -6.32 -6.27 -12.56
CA GLY A 66 -5.97 -5.49 -13.79
C GLY A 66 -4.46 -5.55 -14.01
N THR A 67 -4.00 -5.01 -15.10
CA THR A 67 -2.52 -5.03 -15.37
C THR A 67 -2.03 -3.62 -15.70
N PRO A 68 -1.43 -2.93 -14.74
CA PRO A 68 -1.24 -3.49 -13.37
C PRO A 68 -2.52 -3.36 -12.55
N PRO A 69 -2.61 -4.15 -11.50
CA PRO A 69 -3.80 -4.11 -10.62
C PRO A 69 -3.83 -2.80 -9.83
N LEU A 70 -4.96 -2.15 -9.77
CA LEU A 70 -5.05 -0.86 -9.02
C LEU A 70 -5.37 -1.13 -7.55
N TRP A 71 -5.11 -0.18 -6.70
CA TRP A 71 -5.40 -0.38 -5.25
C TRP A 71 -6.22 0.80 -4.71
N LYS A 72 -7.01 0.56 -3.70
CA LYS A 72 -7.83 1.65 -3.11
C LYS A 72 -8.34 1.24 -1.73
N ILE A 73 -8.42 2.16 -0.81
CA ILE A 73 -8.89 1.82 0.57
C ILE A 73 -10.19 1.00 0.50
N ALA A 74 -10.27 -0.05 1.26
CA ALA A 74 -11.51 -0.89 1.25
C ALA A 74 -12.48 -0.43 2.33
N VAL A 75 -12.57 0.86 2.56
CA VAL A 75 -13.50 1.38 3.61
C VAL A 75 -14.71 2.04 2.95
N SER A 76 -15.81 1.34 2.88
CA SER A 76 -17.02 1.94 2.25
C SER A 76 -18.28 1.21 2.73
N ASP A 77 -18.99 1.78 3.66
CA ASP A 77 -20.22 1.11 4.18
C ASP A 77 -19.91 -0.32 4.62
N LEU A 2 22.48 -3.89 11.25
CA LEU A 2 21.75 -5.13 10.90
C LEU A 2 20.92 -5.61 12.10
N SER A 3 21.27 -5.20 13.29
CA SER A 3 20.50 -5.63 14.49
C SER A 3 19.02 -5.32 14.30
N SER A 4 18.70 -4.33 13.50
CA SER A 4 17.27 -3.99 13.29
C SER A 4 16.72 -4.77 12.10
N HIS A 5 17.55 -5.13 11.17
CA HIS A 5 17.07 -5.91 9.98
C HIS A 5 16.30 -7.15 10.45
N PHE A 6 16.69 -7.71 11.56
CA PHE A 6 15.98 -8.92 12.07
C PHE A 6 14.60 -8.53 12.59
N GLN A 7 14.45 -7.30 13.02
CA GLN A 7 13.16 -6.84 13.56
C GLN A 7 12.36 -6.12 12.47
N GLU A 8 12.17 -6.75 11.34
CA GLU A 8 11.40 -6.10 10.24
C GLU A 8 9.90 -6.15 10.54
N LEU A 9 9.48 -5.52 11.60
CA LEU A 9 8.02 -5.54 11.94
C LEU A 9 7.45 -4.10 11.90
N SER A 10 7.65 -3.35 12.94
CA SER A 10 7.12 -1.95 12.94
C SER A 10 7.80 -1.11 11.87
N ILE A 11 8.87 -1.59 11.30
CA ILE A 11 9.57 -0.80 10.24
C ILE A 11 8.68 -0.60 9.02
N TYR A 12 7.87 -1.57 8.66
CA TYR A 12 6.98 -1.36 7.48
C TYR A 12 5.69 -0.64 7.91
N GLN A 13 5.41 -0.62 9.19
CA GLN A 13 4.19 0.08 9.65
C GLN A 13 4.26 1.54 9.19
N ASP A 14 5.40 2.15 9.32
CA ASP A 14 5.55 3.55 8.85
C ASP A 14 5.28 3.58 7.34
N GLN A 15 5.74 2.57 6.65
CA GLN A 15 5.50 2.49 5.18
C GLN A 15 4.01 2.29 4.92
N GLU A 16 3.35 1.54 5.75
CA GLU A 16 1.89 1.30 5.58
C GLU A 16 1.13 2.62 5.71
N GLN A 17 1.37 3.34 6.78
CA GLN A 17 0.67 4.64 6.96
C GLN A 17 0.91 5.53 5.74
N ARG A 18 2.11 5.51 5.22
CA ARG A 18 2.43 6.34 4.03
C ARG A 18 1.48 5.95 2.88
N ILE A 19 1.37 4.69 2.58
CA ILE A 19 0.46 4.25 1.49
C ILE A 19 -0.99 4.36 1.94
N LEU A 20 -1.29 3.88 3.12
CA LEU A 20 -2.69 3.95 3.62
C LEU A 20 -3.23 5.38 3.53
N LYS A 21 -2.54 6.33 4.09
CA LYS A 21 -3.02 7.74 4.02
C LYS A 21 -3.23 8.15 2.55
N PHE A 22 -2.23 8.00 1.73
CA PHE A 22 -2.37 8.39 0.30
C PHE A 22 -3.66 7.80 -0.28
N LEU A 23 -3.81 6.50 -0.25
CA LEU A 23 -5.06 5.89 -0.81
C LEU A 23 -6.29 6.60 -0.22
N GLU A 24 -6.17 7.09 0.98
CA GLU A 24 -7.33 7.81 1.60
C GLU A 24 -7.44 9.22 1.02
N GLU A 25 -6.33 9.87 0.77
CA GLU A 25 -6.37 11.25 0.22
C GLU A 25 -6.89 11.24 -1.23
N LEU A 26 -6.76 10.13 -1.90
CA LEU A 26 -7.25 10.05 -3.31
C LEU A 26 -8.76 10.24 -3.38
N GLY A 27 -9.22 11.46 -3.30
CA GLY A 27 -10.69 11.72 -3.37
C GLY A 27 -11.28 11.03 -4.61
N GLU A 28 -10.51 10.95 -5.66
CA GLU A 28 -11.02 10.30 -6.91
C GLU A 28 -11.08 8.78 -6.71
N GLY A 29 -12.23 8.20 -6.87
CA GLY A 29 -12.36 6.73 -6.70
C GLY A 29 -11.30 6.00 -7.54
N LYS A 30 -10.81 6.63 -8.57
CA LYS A 30 -9.77 5.98 -9.43
C LYS A 30 -8.66 5.38 -8.57
N ALA A 31 -8.74 4.12 -8.27
CA ALA A 31 -7.68 3.47 -7.44
C ALA A 31 -6.30 3.75 -8.03
N THR A 32 -5.26 3.27 -7.39
CA THR A 32 -3.89 3.51 -7.92
C THR A 32 -3.07 2.22 -7.90
N THR A 33 -2.17 2.08 -8.84
CA THR A 33 -1.34 0.84 -8.90
C THR A 33 -0.07 1.02 -8.06
N ALA A 34 0.53 -0.05 -7.61
CA ALA A 34 1.78 0.09 -6.80
C ALA A 34 2.77 0.98 -7.54
N HIS A 35 2.76 0.94 -8.85
CA HIS A 35 3.69 1.81 -9.62
C HIS A 35 3.42 3.27 -9.23
N ASP A 36 2.17 3.65 -9.17
CA ASP A 36 1.82 5.04 -8.78
C ASP A 36 2.14 5.25 -7.30
N LEU A 37 1.94 4.24 -6.49
CA LEU A 37 2.25 4.37 -5.04
C LEU A 37 3.70 4.81 -4.87
N SER A 38 4.61 4.15 -5.54
CA SER A 38 6.05 4.51 -5.44
C SER A 38 6.29 5.92 -5.96
N GLY A 39 5.44 6.38 -6.85
CA GLY A 39 5.62 7.76 -7.40
C GLY A 39 5.01 8.78 -6.44
N LYS A 40 3.75 8.65 -6.14
CA LYS A 40 3.10 9.60 -5.20
C LYS A 40 3.89 9.70 -3.90
N LEU A 41 4.60 8.66 -3.55
CA LEU A 41 5.37 8.67 -2.28
C LEU A 41 6.88 8.73 -2.55
N GLY A 42 7.31 8.23 -3.68
CA GLY A 42 8.77 8.26 -4.00
C GLY A 42 9.39 6.91 -3.60
N THR A 43 8.77 6.21 -2.69
CA THR A 43 9.31 4.89 -2.26
C THR A 43 9.36 3.92 -3.46
N PRO A 44 10.35 3.07 -3.45
CA PRO A 44 10.50 2.09 -4.57
C PRO A 44 9.37 1.05 -4.52
N LYS A 45 8.98 0.56 -5.67
CA LYS A 45 7.87 -0.45 -5.71
C LYS A 45 8.14 -1.61 -4.74
N LYS A 46 9.34 -2.13 -4.74
CA LYS A 46 9.67 -3.27 -3.82
C LYS A 46 9.15 -3.00 -2.41
N GLU A 47 9.21 -1.77 -1.96
CA GLU A 47 8.71 -1.44 -0.60
C GLU A 47 7.20 -1.19 -0.66
N ILE A 48 6.72 -0.77 -1.80
CA ILE A 48 5.26 -0.50 -1.94
C ILE A 48 4.49 -1.81 -1.97
N ASN A 49 5.00 -2.80 -2.65
CA ASN A 49 4.28 -4.11 -2.73
C ASN A 49 4.25 -4.78 -1.35
N ARG A 50 5.37 -4.88 -0.67
CA ARG A 50 5.34 -5.53 0.67
C ARG A 50 4.34 -4.80 1.56
N VAL A 51 4.13 -3.54 1.31
CA VAL A 51 3.15 -2.76 2.12
C VAL A 51 1.76 -2.91 1.50
N LEU A 52 1.65 -2.73 0.21
CA LEU A 52 0.33 -2.87 -0.47
C LEU A 52 -0.25 -4.24 -0.14
N TYR A 53 0.57 -5.26 -0.14
CA TYR A 53 0.07 -6.62 0.17
C TYR A 53 -0.27 -6.69 1.65
N SER A 54 0.58 -6.14 2.49
CA SER A 54 0.30 -6.16 3.96
C SER A 54 -1.06 -5.52 4.21
N LEU A 55 -1.32 -4.40 3.59
CA LEU A 55 -2.63 -3.73 3.77
C LEU A 55 -3.72 -4.63 3.21
N ALA A 56 -3.55 -5.09 2.00
CA ALA A 56 -4.56 -5.99 1.38
C ALA A 56 -4.73 -7.25 2.22
N LYS A 57 -3.78 -7.55 3.08
CA LYS A 57 -3.89 -8.79 3.91
C LYS A 57 -4.70 -8.53 5.19
N LYS A 58 -4.56 -7.38 5.79
CA LYS A 58 -5.33 -7.11 7.04
C LYS A 58 -6.80 -6.81 6.72
N GLY A 59 -7.08 -6.39 5.52
CA GLY A 59 -8.49 -6.09 5.15
C GLY A 59 -8.72 -4.57 5.15
N LYS A 60 -7.67 -3.81 4.99
CA LYS A 60 -7.83 -2.32 4.98
C LYS A 60 -7.75 -1.81 3.54
N LEU A 61 -7.08 -2.51 2.68
CA LEU A 61 -6.98 -2.05 1.26
C LEU A 61 -7.91 -2.87 0.37
N GLN A 62 -8.20 -2.37 -0.79
CA GLN A 62 -9.09 -3.10 -1.74
C GLN A 62 -8.41 -3.18 -3.11
N LYS A 63 -7.74 -4.26 -3.38
CA LYS A 63 -7.05 -4.40 -4.69
C LYS A 63 -8.05 -4.68 -5.82
N GLU A 64 -7.78 -4.21 -7.00
CA GLU A 64 -8.71 -4.45 -8.14
C GLU A 64 -8.02 -5.29 -9.22
N ALA A 65 -8.53 -6.45 -9.51
CA ALA A 65 -7.90 -7.31 -10.54
C ALA A 65 -7.61 -6.50 -11.82
N GLY A 66 -6.38 -6.47 -12.25
CA GLY A 66 -6.04 -5.71 -13.48
C GLY A 66 -4.52 -5.74 -13.69
N THR A 67 -4.07 -5.41 -14.87
CA THR A 67 -2.61 -5.42 -15.13
C THR A 67 -2.13 -4.00 -15.53
N PRO A 68 -1.54 -3.27 -14.60
CA PRO A 68 -1.33 -3.77 -13.21
C PRO A 68 -2.60 -3.62 -12.37
N PRO A 69 -2.67 -4.34 -11.28
CA PRO A 69 -3.85 -4.28 -10.40
C PRO A 69 -3.90 -2.93 -9.68
N LEU A 70 -5.08 -2.39 -9.50
CA LEU A 70 -5.20 -1.06 -8.83
C LEU A 70 -5.48 -1.25 -7.34
N TRP A 71 -5.07 -0.31 -6.52
CA TRP A 71 -5.32 -0.44 -5.06
C TRP A 71 -6.17 0.72 -4.56
N LYS A 72 -7.06 0.47 -3.64
CA LYS A 72 -7.91 1.57 -3.10
C LYS A 72 -8.40 1.20 -1.69
N ILE A 73 -8.54 2.17 -0.83
CA ILE A 73 -9.03 1.88 0.56
C ILE A 73 -10.32 1.08 0.51
N ALA A 74 -10.45 0.10 1.36
CA ALA A 74 -11.69 -0.72 1.37
C ALA A 74 -12.78 -0.02 2.18
N VAL A 75 -13.77 0.52 1.52
CA VAL A 75 -14.87 1.21 2.25
C VAL A 75 -15.88 0.19 2.77
N SER A 76 -15.48 -0.68 3.66
CA SER A 76 -16.42 -1.69 4.20
C SER A 76 -16.04 -2.07 5.63
N ASP A 77 -16.93 -1.88 6.57
CA ASP A 77 -16.61 -2.22 7.99
C ASP A 77 -15.32 -1.54 8.42
#